data_7FFM
#
_entry.id   7FFM
#
_cell.length_a   137.954
_cell.length_b   158.211
_cell.length_c   107.102
_cell.angle_alpha   90.000
_cell.angle_beta   90.000
_cell.angle_gamma   90.000
#
_symmetry.space_group_name_H-M   'C 2 2 21'
#
loop_
_entity.id
_entity.type
_entity.pdbx_description
1 polymer Serotransferrin
2 non-polymer 'TITANIUM ION'
3 non-polymer 'MALONATE ION'
4 non-polymer 'NITRILOTRIACETIC ACID'
5 non-polymer 'OSMIUM ION'
6 water water
#
_entity_poly.entity_id   1
_entity_poly.type   'polypeptide(L)'
_entity_poly.pdbx_seq_one_letter_code
;VPDKTVRWCAVSEHEATKCQSFRDHMKSVIPSDGPSVACVKKASYLDCIRAIAANEADAVTLDAGLVYDAYLAPNNLKPV
VAEFYGSKEDPQTFYYAVAVVKKDSGFQMNQLRGKKSCHTGLGRSAGWNIPIGLLYCDLPEPRKPLEKAVANFFSGSCAP
CADGTDFPQLCQLCPGCGCSTLNQYFGYSGAFKCLKDGAGDVAFVKHSTIFENLANKADRDQYELLCLDNTRKPVDEYKD
CHLAQVPSHTVVARSMGGKEDLIWELLNQAQEHFGKDKSKEFQLFSSPHGKDLLFKDSAHGFLKVPPRMDAKMYLGYEYV
TAIRNLREGTCPEAPTDECKPVKWCALSHHERLKCDEWSVNSVGKIECVSAETTEDCIAKIMNGEADAMSLDGGFVYIAG
KCGLVPVLAENYNKSDNCEDTPEAGYFAVAVVKKSASDLTWDNLKGKKSCHTAVGRTAGWNIPMGLLYNKINHCRFDEFF
SEGCAPGSKKDSSLCKLCMGSGLNLCEPNNKEGYYGYTGAFRCLVEKGDVAFVKHQTVPQNTGGKNPDPWAKNLNEKDYE
LLCLDGTRKPVEEYANCHLARAPNHAVVTRKDKEACVHKILRQQQHLFGSNVTDCSGNFCLFRSETKDLLFRDDTVCLAK
LHDRNTYEKYLGEEYVKAVGNLRKCSTSSLLEACTFRRP
;
_entity_poly.pdbx_strand_id   A
#
# COMPACT_ATOMS: atom_id res chain seq x y z
N ASP A 3 20.42 30.59 8.10
CA ASP A 3 20.90 29.22 7.94
C ASP A 3 19.77 28.21 7.67
N LYS A 4 20.12 27.13 6.98
CA LYS A 4 19.21 26.00 6.77
C LYS A 4 20.00 24.74 7.11
N THR A 5 20.06 24.43 8.39
CA THR A 5 20.90 23.36 8.90
C THR A 5 20.05 22.16 9.31
N VAL A 6 20.56 20.96 9.03
CA VAL A 6 20.00 19.73 9.54
C VAL A 6 20.75 19.36 10.81
N ARG A 7 20.05 19.35 11.93
CA ARG A 7 20.63 18.97 13.22
C ARG A 7 20.54 17.47 13.35
N TRP A 8 21.67 16.79 13.20
CA TRP A 8 21.66 15.33 13.23
C TRP A 8 21.92 14.84 14.65
N CYS A 9 21.25 13.75 15.01
CA CYS A 9 21.27 13.22 16.36
C CYS A 9 22.26 12.07 16.48
N ALA A 10 23.06 12.07 17.54
CA ALA A 10 24.05 11.04 17.81
C ALA A 10 23.79 10.41 19.17
N VAL A 11 23.96 9.09 19.26
CA VAL A 11 23.67 8.35 20.48
C VAL A 11 24.94 7.86 21.14
N SER A 12 26.11 8.32 20.69
CA SER A 12 27.38 7.89 21.26
C SER A 12 28.43 8.94 20.92
N GLU A 13 29.55 8.90 21.63
CA GLU A 13 30.59 9.87 21.37
C GLU A 13 31.32 9.58 20.06
N HIS A 14 31.34 8.32 19.62
CA HIS A 14 31.89 8.01 18.30
C HIS A 14 30.98 8.52 17.20
N GLU A 15 29.65 8.33 17.34
CA GLU A 15 28.74 8.90 16.36
C GLU A 15 28.87 10.41 16.28
N ALA A 16 29.08 11.07 17.42
CA ALA A 16 29.23 12.52 17.40
C ALA A 16 30.50 12.94 16.65
N THR A 17 31.57 12.15 16.78
CA THR A 17 32.79 12.45 16.02
C THR A 17 32.57 12.22 14.52
N LYS A 18 31.90 11.12 14.17
CA LYS A 18 31.50 10.91 12.78
C LYS A 18 30.68 12.08 12.26
N CYS A 19 29.67 12.49 13.04
CA CYS A 19 28.80 13.58 12.64
C CYS A 19 29.58 14.88 12.46
N GLN A 20 30.59 15.11 13.30
CA GLN A 20 31.38 16.33 13.18
C GLN A 20 32.26 16.30 11.94
N SER A 21 32.92 15.16 11.67
CA SER A 21 33.63 14.99 10.41
C SER A 21 32.68 15.15 9.23
N PHE A 22 31.53 14.47 9.30
CA PHE A 22 30.45 14.67 8.34
C PHE A 22 30.18 16.15 8.11
N ARG A 23 29.93 16.88 9.19
CA ARG A 23 29.57 18.30 9.08
C ARG A 23 30.67 19.10 8.39
N ASP A 24 31.93 18.80 8.74
CA ASP A 24 33.04 19.61 8.23
C ASP A 24 33.32 19.32 6.76
N HIS A 25 33.26 18.05 6.36
CA HIS A 25 33.52 17.71 4.96
C HIS A 25 32.41 18.19 4.04
N MET A 26 31.18 18.30 4.56
CA MET A 26 30.08 18.82 3.76
C MET A 26 30.30 20.28 3.37
N LYS A 27 30.97 21.05 4.24
CA LYS A 27 31.23 22.45 3.94
C LYS A 27 32.04 22.63 2.67
N SER A 28 32.74 21.60 2.22
CA SER A 28 33.62 21.70 1.06
C SER A 28 32.94 21.32 -0.25
N VAL A 29 31.80 20.63 -0.20
CA VAL A 29 31.12 20.18 -1.41
C VAL A 29 29.77 20.85 -1.61
N ILE A 30 29.23 21.51 -0.60
CA ILE A 30 27.92 22.16 -0.67
C ILE A 30 28.14 23.67 -0.61
N PRO A 31 27.55 24.44 -1.52
CA PRO A 31 27.75 25.90 -1.50
C PRO A 31 27.11 26.56 -0.28
N SER A 32 27.22 27.88 -0.18
CA SER A 32 26.54 28.62 0.89
C SER A 32 25.03 28.56 0.73
N ASP A 33 24.55 28.32 -0.49
CA ASP A 33 23.13 28.18 -0.79
C ASP A 33 22.51 26.92 -0.20
N GLY A 34 23.32 25.97 0.29
CA GLY A 34 22.85 24.66 0.63
C GLY A 34 22.78 24.36 2.12
N PRO A 35 22.49 23.10 2.44
CA PRO A 35 22.26 22.72 3.84
C PRO A 35 23.54 22.41 4.60
N SER A 36 23.49 22.66 5.90
CA SER A 36 24.59 22.39 6.81
C SER A 36 24.20 21.28 7.78
N VAL A 37 25.21 20.68 8.38
CA VAL A 37 25.02 19.66 9.41
C VAL A 37 25.33 20.27 10.76
N ALA A 38 24.48 19.99 11.74
CA ALA A 38 24.76 20.26 13.14
C ALA A 38 24.58 18.95 13.90
N CYS A 39 25.33 18.80 14.99
CA CYS A 39 25.42 17.51 15.67
C CYS A 39 24.89 17.64 17.10
N VAL A 40 23.74 17.04 17.35
CA VAL A 40 23.16 16.95 18.68
C VAL A 40 23.45 15.56 19.22
N LYS A 41 24.05 15.49 20.40
CA LYS A 41 24.42 14.23 21.03
C LYS A 41 23.51 13.96 22.23
N LYS A 42 22.75 12.88 22.16
CA LYS A 42 21.93 12.43 23.28
C LYS A 42 22.40 11.05 23.74
N ALA A 43 21.77 10.56 24.80
CA ALA A 43 22.22 9.36 25.47
C ALA A 43 21.67 8.07 24.88
N SER A 44 20.64 8.16 24.04
CA SER A 44 19.93 6.97 23.58
C SER A 44 19.08 7.37 22.39
N TYR A 45 18.60 6.34 21.66
CA TYR A 45 17.74 6.62 20.52
C TYR A 45 16.41 7.21 20.95
N LEU A 46 15.88 6.78 22.10
CA LEU A 46 14.66 7.39 22.62
C LEU A 46 14.88 8.88 22.92
N ASP A 47 16.01 9.22 23.55
CA ASP A 47 16.31 10.61 23.82
C ASP A 47 16.47 11.41 22.53
N CYS A 48 16.97 10.76 21.48
CA CYS A 48 17.04 11.41 20.17
C CYS A 48 15.65 11.65 19.60
N ILE A 49 14.77 10.65 19.72
CA ILE A 49 13.40 10.81 19.23
C ILE A 49 12.71 11.96 19.95
N ARG A 50 12.77 11.98 21.29
CA ARG A 50 12.19 13.08 22.04
C ARG A 50 12.84 14.41 21.68
N ALA A 51 14.13 14.40 21.35
CA ALA A 51 14.80 15.65 20.96
C ALA A 51 14.29 16.16 19.63
N ILE A 52 14.12 15.25 18.65
CA ILE A 52 13.61 15.67 17.35
C ILE A 52 12.18 16.18 17.47
N ALA A 53 11.36 15.52 18.30
CA ALA A 53 9.98 15.96 18.48
C ALA A 53 9.91 17.28 19.24
N ALA A 54 10.85 17.54 20.15
CA ALA A 54 10.92 18.78 20.90
C ALA A 54 11.60 19.90 20.12
N ASN A 55 11.83 19.69 18.83
CA ASN A 55 12.50 20.67 17.96
C ASN A 55 13.86 21.09 18.52
N GLU A 56 14.62 20.10 19.01
CA GLU A 56 16.01 20.31 19.38
C GLU A 56 16.98 19.60 18.45
N ALA A 57 16.48 18.68 17.62
CA ALA A 57 17.24 18.04 16.57
C ALA A 57 16.30 17.78 15.41
N ASP A 58 16.86 17.38 14.28
CA ASP A 58 16.05 17.27 13.08
C ASP A 58 15.93 15.85 12.55
N ALA A 59 16.99 15.05 12.63
CA ALA A 59 16.96 13.74 11.99
C ALA A 59 17.80 12.74 12.77
N VAL A 60 17.33 11.50 12.78
CA VAL A 60 18.11 10.35 13.24
C VAL A 60 17.63 9.17 12.41
N THR A 61 18.47 8.14 12.33
CA THR A 61 18.15 6.95 11.56
C THR A 61 18.06 5.74 12.50
N LEU A 62 16.96 5.00 12.39
CA LEU A 62 16.53 4.05 13.41
C LEU A 62 16.25 2.69 12.81
N ASP A 63 16.34 1.67 13.65
CA ASP A 63 15.80 0.35 13.32
C ASP A 63 14.27 0.39 13.42
N ALA A 64 13.63 -0.60 12.79
CA ALA A 64 12.18 -0.55 12.60
C ALA A 64 11.44 -0.45 13.92
N GLY A 65 11.88 -1.19 14.94
CA GLY A 65 11.23 -1.11 16.23
C GLY A 65 11.21 0.29 16.80
N LEU A 66 12.30 1.04 16.59
CA LEU A 66 12.36 2.42 17.06
C LEU A 66 11.61 3.37 16.13
N VAL A 67 11.51 3.02 14.84
CA VAL A 67 10.61 3.76 13.95
C VAL A 67 9.20 3.75 14.51
N TYR A 68 8.79 2.61 15.10
CA TYR A 68 7.48 2.53 15.73
C TYR A 68 7.38 3.46 16.92
N ASP A 69 8.36 3.41 17.82
CA ASP A 69 8.36 4.29 19.00
C ASP A 69 8.35 5.75 18.58
N ALA A 70 9.05 6.09 17.50
CA ALA A 70 9.09 7.47 17.03
C ALA A 70 7.75 7.93 16.48
N TYR A 71 6.91 7.00 16.02
CA TYR A 71 5.63 7.35 15.43
C TYR A 71 4.61 7.72 16.50
N LEU A 72 4.63 7.02 17.63
CA LEU A 72 3.61 7.18 18.65
C LEU A 72 3.60 8.60 19.20
N ALA A 73 2.42 9.02 19.66
CA ALA A 73 2.30 10.31 20.33
C ALA A 73 3.05 10.25 21.67
N PRO A 74 3.69 11.36 22.08
CA PRO A 74 3.66 12.68 21.45
C PRO A 74 4.83 12.96 20.51
N ASN A 75 5.50 11.93 20.00
CA ASN A 75 6.62 12.14 19.10
C ASN A 75 6.16 12.44 17.68
N ASN A 76 5.34 11.56 17.10
CA ASN A 76 4.78 11.74 15.76
C ASN A 76 5.87 12.02 14.73
N LEU A 77 6.90 11.18 14.72
CA LEU A 77 7.91 11.25 13.68
C LEU A 77 7.49 10.39 12.49
N LYS A 78 8.09 10.65 11.35
CA LYS A 78 7.80 9.90 10.14
C LYS A 78 9.08 9.60 9.38
N PRO A 79 9.14 8.46 8.70
CA PRO A 79 10.35 8.13 7.92
C PRO A 79 10.43 8.95 6.65
N VAL A 80 11.63 9.45 6.36
CA VAL A 80 11.85 10.35 5.24
C VAL A 80 12.89 9.81 4.26
N VAL A 81 13.91 9.12 4.76
CA VAL A 81 14.97 8.58 3.92
C VAL A 81 15.25 7.14 4.37
N ALA A 82 15.53 6.27 3.41
CA ALA A 82 15.80 4.87 3.68
C ALA A 82 17.17 4.51 3.15
N GLU A 83 17.93 3.75 3.95
CA GLU A 83 19.15 3.13 3.45
C GLU A 83 18.78 1.95 2.55
N PHE A 84 19.52 1.77 1.46
CA PHE A 84 19.38 0.57 0.67
C PHE A 84 20.71 -0.17 0.66
N TYR A 85 20.63 -1.46 0.33
CA TYR A 85 21.78 -2.35 0.38
C TYR A 85 21.85 -3.14 -0.93
N GLY A 86 23.02 -3.71 -1.18
CA GLY A 86 23.19 -4.44 -2.43
C GLY A 86 23.29 -3.50 -3.61
N SER A 87 22.59 -3.86 -4.68
CA SER A 87 22.80 -3.24 -5.98
C SER A 87 22.13 -1.87 -6.09
N LYS A 88 22.77 -0.98 -6.85
CA LYS A 88 22.12 0.26 -7.25
C LYS A 88 20.95 0.00 -8.18
N GLU A 89 21.03 -1.06 -8.99
CA GLU A 89 19.95 -1.44 -9.88
C GLU A 89 18.83 -2.21 -9.17
N ASP A 90 19.14 -2.85 -8.05
CA ASP A 90 18.16 -3.58 -7.24
C ASP A 90 18.36 -3.17 -5.80
N PRO A 91 17.87 -2.00 -5.40
CA PRO A 91 18.01 -1.55 -4.02
C PRO A 91 17.19 -2.44 -3.08
N GLN A 92 17.86 -2.98 -2.06
CA GLN A 92 17.22 -3.82 -1.04
C GLN A 92 17.01 -2.95 0.20
N THR A 93 15.78 -2.46 0.37
CA THR A 93 15.42 -1.62 1.49
C THR A 93 14.77 -2.38 2.64
N PHE A 94 14.11 -3.49 2.35
CA PHE A 94 13.42 -4.26 3.37
C PHE A 94 13.96 -5.69 3.40
N TYR A 95 13.82 -6.33 4.54
CA TYR A 95 13.92 -7.77 4.63
C TYR A 95 12.56 -8.32 5.01
N TYR A 96 12.40 -9.64 4.86
CA TYR A 96 11.13 -10.29 5.12
C TYR A 96 11.32 -11.31 6.24
N ALA A 97 10.54 -11.17 7.31
CA ALA A 97 10.44 -12.20 8.31
C ALA A 97 9.52 -13.30 7.81
N VAL A 98 10.02 -14.54 7.79
CA VAL A 98 9.28 -15.65 7.22
C VAL A 98 9.31 -16.82 8.21
N ALA A 99 8.38 -17.75 8.01
CA ALA A 99 8.29 -18.98 8.79
C ALA A 99 8.48 -20.14 7.80
N VAL A 100 9.69 -20.70 7.79
CA VAL A 100 10.01 -21.80 6.88
C VAL A 100 9.58 -23.12 7.51
N VAL A 101 9.07 -24.02 6.68
CA VAL A 101 8.60 -25.33 7.12
C VAL A 101 9.03 -26.36 6.09
N LYS A 102 9.04 -27.63 6.51
CA LYS A 102 9.34 -28.71 5.58
C LYS A 102 8.12 -29.00 4.72
N LYS A 103 8.36 -29.20 3.43
CA LYS A 103 7.28 -29.49 2.49
C LYS A 103 6.50 -30.72 2.94
N ASP A 104 5.17 -30.58 2.95
CA ASP A 104 4.25 -31.68 3.31
C ASP A 104 4.35 -32.06 4.78
N SER A 105 4.52 -31.08 5.66
CA SER A 105 4.47 -31.34 7.10
C SER A 105 3.08 -31.21 7.68
N GLY A 106 2.13 -30.64 6.95
CA GLY A 106 0.72 -30.71 7.30
C GLY A 106 0.23 -29.78 8.40
N PHE A 107 0.74 -28.56 8.46
CA PHE A 107 0.18 -27.58 9.38
C PHE A 107 0.35 -26.18 8.81
N GLN A 108 -0.48 -25.27 9.31
CA GLN A 108 -0.50 -23.86 8.91
C GLN A 108 -0.15 -22.98 10.10
N MET A 109 -0.15 -21.66 9.87
CA MET A 109 0.16 -20.72 10.95
C MET A 109 -0.80 -20.88 12.13
N ASN A 110 -2.08 -21.11 11.87
CA ASN A 110 -3.06 -21.26 12.94
C ASN A 110 -3.05 -22.65 13.55
N GLN A 111 -2.00 -23.44 13.28
CA GLN A 111 -1.84 -24.78 13.86
C GLN A 111 -0.45 -24.92 14.48
N LEU A 112 0.15 -23.82 14.90
CA LEU A 112 1.52 -23.86 15.39
C LEU A 112 1.62 -24.36 16.82
N ARG A 113 0.52 -24.35 17.56
CA ARG A 113 0.55 -24.73 18.96
C ARG A 113 0.90 -26.21 19.10
N GLY A 114 1.90 -26.50 19.92
CA GLY A 114 2.35 -27.85 20.13
C GLY A 114 3.46 -28.32 19.20
N LYS A 115 3.81 -27.53 18.19
CA LYS A 115 4.88 -27.89 17.27
C LYS A 115 6.24 -27.66 17.94
N LYS A 116 7.31 -27.85 17.15
CA LYS A 116 8.67 -27.60 17.60
C LYS A 116 9.26 -26.48 16.76
N SER A 117 9.74 -25.42 17.42
CA SER A 117 10.12 -24.18 16.75
C SER A 117 11.61 -23.92 16.88
N CYS A 118 12.17 -23.30 15.84
CA CYS A 118 13.56 -22.84 15.82
C CYS A 118 13.57 -21.32 15.67
N HIS A 119 14.21 -20.65 16.62
CA HIS A 119 14.33 -19.20 16.61
C HIS A 119 15.78 -18.81 16.42
N THR A 120 16.00 -17.67 15.78
CA THR A 120 17.37 -17.18 15.59
C THR A 120 17.97 -16.76 16.92
N GLY A 121 17.14 -16.21 17.81
CA GLY A 121 17.57 -15.81 19.13
C GLY A 121 16.47 -15.06 19.85
N LEU A 122 16.39 -15.20 21.16
CA LEU A 122 15.40 -14.43 21.91
C LEU A 122 15.68 -12.94 21.76
N GLY A 123 14.63 -12.18 21.48
CA GLY A 123 14.75 -10.74 21.35
C GLY A 123 15.08 -10.23 19.97
N ARG A 124 15.33 -11.11 19.00
CA ARG A 124 15.57 -10.67 17.64
C ARG A 124 14.25 -10.51 16.89
N SER A 125 14.30 -9.74 15.80
CA SER A 125 13.10 -9.38 15.06
C SER A 125 12.49 -10.57 14.34
N ALA A 126 13.13 -11.03 13.27
CA ALA A 126 12.54 -12.09 12.45
C ALA A 126 12.36 -13.39 13.24
N GLY A 127 13.25 -13.65 14.19
CA GLY A 127 13.25 -14.92 14.89
C GLY A 127 12.45 -14.99 16.17
N TRP A 128 12.03 -13.84 16.71
CA TRP A 128 11.31 -13.87 17.97
C TRP A 128 10.22 -12.81 18.03
N ASN A 129 10.60 -11.53 17.94
CA ASN A 129 9.65 -10.45 18.21
C ASN A 129 8.48 -10.46 17.23
N ILE A 130 8.72 -10.73 15.96
CA ILE A 130 7.63 -10.73 14.98
C ILE A 130 6.78 -11.99 15.13
N PRO A 131 7.34 -13.21 15.10
CA PRO A 131 6.47 -14.39 15.25
C PRO A 131 5.72 -14.42 16.58
N ILE A 132 6.39 -14.13 17.70
CA ILE A 132 5.70 -14.16 18.98
C ILE A 132 4.70 -13.01 19.09
N GLY A 133 5.04 -11.85 18.51
CA GLY A 133 4.10 -10.74 18.50
C GLY A 133 2.80 -11.10 17.80
N LEU A 134 2.90 -11.71 16.62
CA LEU A 134 1.70 -12.13 15.89
C LEU A 134 0.97 -13.27 16.60
N LEU A 135 1.71 -14.16 17.26
CA LEU A 135 1.10 -15.27 17.97
C LEU A 135 0.67 -14.92 19.39
N TYR A 136 0.84 -13.65 19.80
CA TYR A 136 0.75 -13.31 21.21
C TYR A 136 -0.60 -13.70 21.81
N CYS A 137 -1.70 -13.40 21.13
CA CYS A 137 -3.02 -13.70 21.69
C CYS A 137 -3.36 -15.18 21.63
N ASP A 138 -2.62 -15.97 20.84
CA ASP A 138 -2.75 -17.42 20.87
C ASP A 138 -1.97 -18.06 22.02
N LEU A 139 -1.14 -17.29 22.72
CA LEU A 139 -0.37 -17.84 23.82
C LEU A 139 -1.29 -18.07 25.03
N PRO A 140 -1.00 -19.10 25.83
CA PRO A 140 -1.84 -19.38 27.00
C PRO A 140 -1.67 -18.31 28.07
N GLU A 141 -2.66 -18.25 28.96
CA GLU A 141 -2.53 -17.29 30.04
C GLU A 141 -1.99 -17.96 31.29
N PRO A 142 -1.21 -17.22 32.11
CA PRO A 142 -0.85 -15.82 31.87
C PRO A 142 0.31 -15.66 30.89
N ARG A 143 0.28 -14.57 30.13
CA ARG A 143 1.31 -14.32 29.13
C ARG A 143 2.52 -13.57 29.68
N LYS A 144 2.48 -13.14 30.94
CA LYS A 144 3.68 -12.65 31.62
C LYS A 144 4.17 -13.70 32.61
N PRO A 145 5.45 -14.11 32.55
CA PRO A 145 6.43 -13.64 31.59
C PRO A 145 6.27 -14.29 30.21
N LEU A 146 6.70 -13.58 29.17
CA LEU A 146 6.48 -14.03 27.81
C LEU A 146 7.15 -15.37 27.54
N GLU A 147 8.33 -15.60 28.11
CA GLU A 147 9.03 -16.87 27.88
C GLU A 147 8.24 -18.05 28.40
N LYS A 148 7.58 -17.88 29.54
CA LYS A 148 6.75 -18.96 30.09
C LYS A 148 5.59 -19.28 29.16
N ALA A 149 4.98 -18.25 28.56
CA ALA A 149 3.83 -18.47 27.68
C ALA A 149 4.26 -19.19 26.40
N VAL A 150 5.39 -18.78 25.82
CA VAL A 150 5.89 -19.46 24.62
C VAL A 150 6.29 -20.89 24.95
N ALA A 151 6.92 -21.10 26.11
CA ALA A 151 7.30 -22.44 26.53
C ALA A 151 6.09 -23.34 26.72
N ASN A 152 4.91 -22.77 26.99
CA ASN A 152 3.67 -23.52 27.08
C ASN A 152 2.84 -23.45 25.81
N PHE A 153 3.43 -22.98 24.71
CA PHE A 153 2.74 -22.93 23.42
C PHE A 153 3.38 -23.93 22.47
N PHE A 154 4.64 -23.72 22.08
CA PHE A 154 5.40 -24.76 21.41
C PHE A 154 5.75 -25.85 22.42
N SER A 155 5.64 -27.10 21.98
CA SER A 155 5.98 -28.22 22.87
C SER A 155 7.45 -28.19 23.25
N GLY A 156 8.30 -27.85 22.30
CA GLY A 156 9.72 -27.67 22.56
C GLY A 156 10.30 -26.77 21.52
N SER A 157 11.37 -26.06 21.88
CA SER A 157 11.93 -25.06 20.99
C SER A 157 13.44 -25.01 21.16
N CYS A 158 14.09 -24.33 20.22
CA CYS A 158 15.43 -23.80 20.39
C CYS A 158 15.30 -22.28 20.31
N ALA A 159 15.25 -21.63 21.47
CA ALA A 159 15.22 -20.18 21.56
C ALA A 159 16.53 -19.73 22.19
N PRO A 160 17.58 -19.49 21.39
CA PRO A 160 18.85 -19.04 21.98
C PRO A 160 18.66 -17.78 22.81
N CYS A 161 19.53 -17.62 23.81
CA CYS A 161 19.45 -16.58 24.83
C CYS A 161 18.28 -16.72 25.79
N ALA A 162 17.44 -17.75 25.66
CA ALA A 162 16.30 -17.83 26.55
C ALA A 162 16.72 -18.42 27.90
N ASP A 163 15.84 -18.26 28.89
CA ASP A 163 16.10 -18.70 30.26
C ASP A 163 15.72 -20.17 30.37
N GLY A 164 16.65 -21.03 29.95
CA GLY A 164 16.41 -22.46 29.98
C GLY A 164 16.37 -23.04 31.38
N THR A 165 16.97 -22.35 32.36
CA THR A 165 16.92 -22.83 33.73
C THR A 165 15.49 -22.85 34.25
N ASP A 166 14.71 -21.80 33.94
CA ASP A 166 13.35 -21.69 34.42
C ASP A 166 12.33 -22.22 33.43
N PHE A 167 12.65 -22.23 32.13
CA PHE A 167 11.73 -22.66 31.08
C PHE A 167 12.47 -23.61 30.14
N PRO A 168 12.74 -24.83 30.60
CA PRO A 168 13.61 -25.74 29.81
C PRO A 168 13.03 -26.16 28.48
N GLN A 169 11.70 -26.10 28.28
CA GLN A 169 11.13 -26.43 26.99
C GLN A 169 11.72 -25.58 25.87
N LEU A 170 12.14 -24.36 26.21
CA LEU A 170 12.65 -23.42 25.22
C LEU A 170 14.03 -23.79 24.69
N CYS A 171 14.70 -24.78 25.31
CA CYS A 171 16.03 -25.21 24.88
C CYS A 171 16.08 -26.71 24.59
N GLN A 172 14.91 -27.34 24.41
CA GLN A 172 14.86 -28.77 24.17
C GLN A 172 15.68 -29.17 22.94
N LEU A 173 15.76 -28.29 21.93
CA LEU A 173 16.45 -28.60 20.70
C LEU A 173 17.87 -28.05 20.64
N CYS A 174 18.20 -27.10 21.52
CA CYS A 174 19.58 -26.64 21.71
C CYS A 174 19.80 -26.54 23.21
N PRO A 175 20.20 -27.63 23.85
CA PRO A 175 20.34 -27.63 25.31
C PRO A 175 21.29 -26.54 25.78
N GLY A 176 20.91 -25.89 26.88
CA GLY A 176 21.63 -24.75 27.39
C GLY A 176 21.22 -23.41 26.81
N CYS A 177 20.53 -23.42 25.66
CA CYS A 177 20.10 -22.19 25.00
C CYS A 177 21.27 -21.24 24.78
N GLY A 178 22.44 -21.81 24.45
CA GLY A 178 23.62 -21.01 24.22
C GLY A 178 23.38 -19.86 23.28
N CYS A 179 23.82 -18.66 23.67
CA CYS A 179 23.57 -17.46 22.89
C CYS A 179 24.83 -17.02 22.14
N SER A 180 25.54 -18.00 21.58
CA SER A 180 26.81 -17.79 20.90
C SER A 180 26.85 -18.71 19.69
N THR A 181 27.72 -18.40 18.74
CA THR A 181 27.89 -19.30 17.60
C THR A 181 28.44 -20.65 18.02
N LEU A 182 28.91 -20.80 19.26
CA LEU A 182 29.18 -22.12 19.80
C LEU A 182 27.96 -23.03 19.75
N ASN A 183 26.76 -22.45 19.72
CA ASN A 183 25.53 -23.21 19.56
C ASN A 183 25.24 -23.34 18.07
N GLN A 184 25.09 -24.59 17.60
CA GLN A 184 24.92 -24.82 16.18
C GLN A 184 23.61 -24.27 15.65
N TYR A 185 22.60 -24.11 16.51
CA TYR A 185 21.27 -23.69 16.10
C TYR A 185 21.02 -22.21 16.42
N PHE A 186 22.08 -21.43 16.58
CA PHE A 186 22.00 -20.03 16.95
C PHE A 186 22.22 -19.15 15.73
N GLY A 187 21.65 -17.95 15.77
CA GLY A 187 21.82 -17.01 14.68
C GLY A 187 20.89 -17.33 13.53
N TYR A 188 21.15 -16.68 12.40
CA TYR A 188 20.24 -16.82 11.28
C TYR A 188 20.47 -18.13 10.53
N SER A 189 21.73 -18.55 10.36
CA SER A 189 21.99 -19.86 9.79
C SER A 189 21.56 -20.97 10.74
N GLY A 190 21.82 -20.79 12.04
CA GLY A 190 21.57 -21.86 12.99
C GLY A 190 20.10 -22.20 13.13
N ALA A 191 19.24 -21.18 13.18
CA ALA A 191 17.81 -21.43 13.28
C ALA A 191 17.31 -22.23 12.07
N PHE A 192 17.84 -21.92 10.88
CA PHE A 192 17.46 -22.69 9.71
C PHE A 192 18.03 -24.10 9.78
N LYS A 193 19.28 -24.25 10.22
CA LYS A 193 19.86 -25.58 10.37
C LYS A 193 19.06 -26.41 11.37
N CYS A 194 18.51 -25.77 12.40
CA CYS A 194 17.63 -26.46 13.34
C CYS A 194 16.43 -27.08 12.62
N LEU A 195 15.96 -26.43 11.56
CA LEU A 195 14.88 -27.00 10.76
C LEU A 195 15.40 -28.03 9.77
N LYS A 196 16.50 -27.71 9.07
CA LYS A 196 17.09 -28.62 8.10
C LYS A 196 17.40 -29.98 8.74
N ASP A 197 18.15 -29.97 9.84
CA ASP A 197 18.56 -31.20 10.51
C ASP A 197 17.39 -32.01 11.05
N GLY A 198 16.17 -31.46 11.04
CA GLY A 198 15.02 -32.16 11.56
C GLY A 198 14.75 -31.91 13.03
N ALA A 199 15.50 -31.01 13.67
CA ALA A 199 15.29 -30.77 15.10
C ALA A 199 13.91 -30.17 15.35
N GLY A 200 13.50 -29.19 14.54
CA GLY A 200 12.25 -28.50 14.71
C GLY A 200 11.33 -28.62 13.52
N ASP A 201 10.14 -28.05 13.67
CA ASP A 201 9.11 -28.07 12.63
C ASP A 201 9.02 -26.78 11.84
N VAL A 202 9.41 -25.66 12.44
CA VAL A 202 9.29 -24.35 11.81
C VAL A 202 10.49 -23.50 12.22
N ALA A 203 10.98 -22.68 11.30
CA ALA A 203 12.13 -21.82 11.54
C ALA A 203 11.74 -20.38 11.22
N PHE A 204 11.73 -19.54 12.24
CA PHE A 204 11.44 -18.11 12.09
C PHE A 204 12.74 -17.39 11.74
N VAL A 205 12.91 -17.08 10.45
CA VAL A 205 14.17 -16.51 9.95
C VAL A 205 13.85 -15.42 8.93
N LYS A 206 14.90 -14.89 8.29
CA LYS A 206 14.73 -13.91 7.23
C LYS A 206 14.64 -14.59 5.86
N HIS A 207 13.94 -13.94 4.94
CA HIS A 207 13.64 -14.50 3.62
C HIS A 207 14.87 -15.01 2.88
N SER A 208 16.07 -14.51 3.20
CA SER A 208 17.26 -14.86 2.44
C SER A 208 18.07 -16.00 3.03
N THR A 209 17.77 -16.41 4.27
CA THR A 209 18.55 -17.49 4.89
C THR A 209 18.47 -18.76 4.08
N ILE A 210 17.28 -19.11 3.60
CA ILE A 210 17.10 -20.34 2.84
C ILE A 210 17.95 -20.34 1.58
N PHE A 211 18.10 -19.17 0.96
CA PHE A 211 18.91 -19.07 -0.25
C PHE A 211 20.40 -19.05 0.06
N GLU A 212 20.79 -18.56 1.24
CA GLU A 212 22.20 -18.51 1.61
C GLU A 212 22.73 -19.86 2.08
N ASN A 213 21.87 -20.75 2.57
CA ASN A 213 22.31 -22.02 3.13
C ASN A 213 22.03 -23.22 2.24
N LEU A 214 21.29 -23.04 1.14
CA LEU A 214 21.01 -24.11 0.18
C LEU A 214 21.27 -23.57 -1.22
N ALA A 215 22.33 -24.06 -1.86
CA ALA A 215 22.72 -23.55 -3.17
C ALA A 215 21.75 -24.02 -4.25
N ASN A 216 21.60 -25.33 -4.39
CA ASN A 216 20.72 -25.88 -5.41
C ASN A 216 19.27 -25.52 -5.11
N LYS A 217 18.48 -25.31 -6.17
CA LYS A 217 17.05 -25.13 -5.98
C LYS A 217 16.35 -26.45 -5.72
N ALA A 218 16.94 -27.57 -6.13
CA ALA A 218 16.35 -28.87 -5.87
C ALA A 218 16.13 -29.10 -4.38
N ASP A 219 17.12 -28.74 -3.56
CA ASP A 219 16.96 -28.85 -2.12
C ASP A 219 15.98 -27.80 -1.58
N ARG A 220 15.83 -26.68 -2.29
CA ARG A 220 14.93 -25.62 -1.84
C ARG A 220 13.47 -25.92 -2.10
N ASP A 221 13.17 -26.85 -3.00
CA ASP A 221 11.78 -27.26 -3.23
C ASP A 221 11.28 -28.23 -2.17
N GLN A 222 12.13 -28.64 -1.23
CA GLN A 222 11.71 -29.45 -0.10
C GLN A 222 11.23 -28.61 1.07
N TYR A 223 11.13 -27.30 0.89
CA TYR A 223 10.76 -26.38 1.96
C TYR A 223 9.66 -25.46 1.46
N GLU A 224 8.83 -24.99 2.38
CA GLU A 224 7.77 -24.05 2.07
C GLU A 224 7.73 -22.97 3.14
N LEU A 225 6.83 -22.00 2.95
CA LEU A 225 6.64 -20.88 3.86
C LEU A 225 5.19 -20.87 4.34
N LEU A 226 4.99 -20.56 5.61
CA LEU A 226 3.66 -20.36 6.15
C LEU A 226 3.22 -18.92 5.89
N CYS A 227 2.08 -18.75 5.24
CA CYS A 227 1.48 -17.44 5.05
C CYS A 227 0.40 -17.20 6.09
N LEU A 228 0.19 -15.91 6.41
CA LEU A 228 -0.75 -15.53 7.45
C LEU A 228 -2.19 -15.87 7.12
N ASP A 229 -2.50 -16.21 5.86
CA ASP A 229 -3.83 -16.66 5.49
C ASP A 229 -4.03 -18.16 5.69
N ASN A 230 -3.14 -18.80 6.44
CA ASN A 230 -3.19 -20.24 6.69
C ASN A 230 -3.05 -21.03 5.38
N THR A 231 -2.13 -20.57 4.53
CA THR A 231 -1.76 -21.19 3.27
C THR A 231 -0.25 -21.33 3.27
N ARG A 232 0.28 -22.22 2.43
CA ARG A 232 1.72 -22.26 2.17
C ARG A 232 2.02 -21.87 0.73
N LYS A 233 3.22 -21.37 0.53
CA LYS A 233 3.77 -21.03 -0.79
C LYS A 233 5.24 -21.42 -0.81
N PRO A 234 5.83 -21.55 -2.00
CA PRO A 234 7.25 -21.90 -2.08
C PRO A 234 8.14 -20.81 -1.49
N VAL A 235 9.41 -21.16 -1.28
CA VAL A 235 10.32 -20.29 -0.53
C VAL A 235 10.72 -19.05 -1.32
N ASP A 236 10.66 -19.08 -2.65
CA ASP A 236 10.98 -17.91 -3.45
C ASP A 236 9.77 -17.02 -3.71
N GLU A 237 8.65 -17.28 -3.03
CA GLU A 237 7.47 -16.42 -3.06
C GLU A 237 7.27 -15.71 -1.73
N TYR A 238 8.38 -15.33 -1.09
CA TYR A 238 8.31 -14.72 0.23
C TYR A 238 7.60 -13.37 0.18
N LYS A 239 7.66 -12.68 -0.96
CA LYS A 239 7.00 -11.39 -1.09
C LYS A 239 5.49 -11.50 -0.97
N ASP A 240 4.91 -12.68 -1.27
CA ASP A 240 3.49 -12.93 -1.12
C ASP A 240 3.18 -13.85 0.04
N CYS A 241 4.18 -14.24 0.81
CA CYS A 241 3.98 -15.19 1.90
C CYS A 241 5.03 -14.97 2.99
N HIS A 242 4.84 -13.91 3.77
CA HIS A 242 5.76 -13.55 4.84
C HIS A 242 4.96 -13.17 6.07
N LEU A 243 5.66 -13.03 7.19
CA LEU A 243 5.04 -12.60 8.43
C LEU A 243 5.06 -11.09 8.59
N ALA A 244 6.06 -10.43 8.01
CA ALA A 244 6.23 -8.99 8.13
C ALA A 244 7.32 -8.55 7.16
N GLN A 245 7.16 -7.36 6.59
CA GLN A 245 8.16 -6.75 5.75
C GLN A 245 8.73 -5.56 6.51
N VAL A 246 10.03 -5.63 6.82
CA VAL A 246 10.66 -4.79 7.82
C VAL A 246 11.66 -3.88 7.12
N PRO A 247 11.61 -2.56 7.34
CA PRO A 247 12.65 -1.67 6.79
C PRO A 247 13.92 -1.75 7.62
N SER A 248 15.06 -1.89 6.94
CA SER A 248 16.32 -2.17 7.61
C SER A 248 16.77 -1.00 8.50
N HIS A 249 16.94 0.18 7.91
CA HIS A 249 17.48 1.32 8.64
C HIS A 249 16.98 2.58 7.95
N THR A 250 16.16 3.38 8.64
CA THR A 250 15.47 4.50 7.99
C THR A 250 15.58 5.76 8.82
N VAL A 251 15.71 6.89 8.12
CA VAL A 251 15.84 8.20 8.76
C VAL A 251 14.46 8.76 9.05
N VAL A 252 14.24 9.21 10.28
CA VAL A 252 12.94 9.74 10.68
C VAL A 252 13.06 11.23 10.96
N ALA A 253 11.93 11.93 10.82
CA ALA A 253 11.87 13.37 11.01
C ALA A 253 10.48 13.74 11.52
N ARG A 254 10.33 15.00 11.91
CA ARG A 254 9.03 15.48 12.38
C ARG A 254 7.98 15.40 11.27
N SER A 255 6.77 15.01 11.65
CA SER A 255 5.67 14.92 10.69
C SER A 255 5.35 16.29 10.10
N MET A 256 5.16 17.28 10.95
CA MET A 256 5.05 18.68 10.54
C MET A 256 6.23 19.44 11.12
N GLY A 257 6.84 20.30 10.30
CA GLY A 257 8.07 20.94 10.67
C GLY A 257 9.30 20.34 10.06
N GLY A 258 9.16 19.28 9.27
CA GLY A 258 10.25 18.82 8.42
C GLY A 258 11.44 18.34 9.21
N LYS A 259 12.63 18.57 8.65
CA LYS A 259 12.74 19.26 7.38
C LYS A 259 13.09 18.27 6.27
N GLU A 260 12.08 17.49 5.86
CA GLU A 260 12.30 16.38 4.94
C GLU A 260 13.05 16.81 3.70
N ASP A 261 12.62 17.91 3.09
CA ASP A 261 13.31 18.48 1.94
C ASP A 261 14.80 18.66 2.20
N LEU A 262 15.15 19.30 3.32
CA LEU A 262 16.55 19.56 3.62
C LEU A 262 17.32 18.27 3.88
N ILE A 263 16.74 17.36 4.66
CA ILE A 263 17.42 16.13 5.04
C ILE A 263 17.77 15.31 3.80
N TRP A 264 16.82 15.20 2.86
CA TRP A 264 17.09 14.45 1.65
C TRP A 264 18.18 15.12 0.81
N GLU A 265 18.10 16.44 0.64
CA GLU A 265 19.12 17.17 -0.09
C GLU A 265 20.50 16.95 0.53
N LEU A 266 20.59 17.07 1.86
CA LEU A 266 21.85 16.82 2.55
C LEU A 266 22.34 15.40 2.29
N LEU A 267 21.47 14.41 2.53
CA LEU A 267 21.91 13.02 2.42
C LEU A 267 22.19 12.63 0.98
N ASN A 268 21.38 13.13 0.04
CA ASN A 268 21.59 12.77 -1.37
C ASN A 268 22.92 13.30 -1.88
N GLN A 269 23.25 14.55 -1.56
CA GLN A 269 24.55 15.07 -1.97
C GLN A 269 25.68 14.42 -1.18
N ALA A 270 25.40 13.97 0.04
CA ALA A 270 26.41 13.27 0.83
C ALA A 270 26.84 11.98 0.17
N GLN A 271 25.89 11.23 -0.38
CA GLN A 271 26.25 9.96 -1.03
C GLN A 271 26.91 10.19 -2.38
N GLU A 272 26.55 11.27 -3.08
CA GLU A 272 27.17 11.55 -4.38
C GLU A 272 28.61 12.03 -4.25
N HIS A 273 29.11 12.22 -3.03
CA HIS A 273 30.43 12.79 -2.85
C HIS A 273 31.27 11.93 -1.93
N PHE A 274 30.61 11.30 -0.94
CA PHE A 274 31.30 10.47 0.04
C PHE A 274 30.63 9.11 0.22
N GLY A 275 29.83 8.68 -0.75
CA GLY A 275 29.12 7.42 -0.67
C GLY A 275 30.00 6.23 -0.94
N LYS A 276 29.36 5.13 -1.36
CA LYS A 276 30.08 3.90 -1.61
C LYS A 276 31.01 4.06 -2.81
N ASP A 277 32.23 3.53 -2.67
CA ASP A 277 33.22 3.50 -3.75
C ASP A 277 33.54 4.89 -4.28
N LYS A 278 33.47 5.90 -3.43
CA LYS A 278 33.95 7.22 -3.81
C LYS A 278 35.34 7.50 -3.30
N SER A 279 35.80 6.74 -2.30
CA SER A 279 37.21 6.66 -1.91
C SER A 279 37.80 8.02 -1.56
N LYS A 280 37.06 8.79 -0.76
CA LYS A 280 37.55 10.05 -0.26
C LYS A 280 38.24 9.82 1.09
N GLU A 281 38.79 10.89 1.67
CA GLU A 281 39.32 10.79 3.02
C GLU A 281 38.22 10.63 4.06
N PHE A 282 37.00 11.05 3.74
CA PHE A 282 35.83 10.81 4.58
C PHE A 282 34.86 9.93 3.81
N GLN A 283 34.45 8.82 4.42
CA GLN A 283 33.47 7.92 3.84
C GLN A 283 32.21 7.93 4.70
N LEU A 284 31.08 8.15 4.04
CA LEU A 284 29.81 8.28 4.77
C LEU A 284 29.46 6.98 5.48
N PHE A 285 29.62 5.84 4.81
CA PHE A 285 29.24 4.54 5.33
C PHE A 285 30.42 3.77 5.91
N SER A 286 31.41 4.49 6.45
CA SER A 286 32.55 3.88 7.10
C SER A 286 32.77 4.54 8.45
N SER A 287 33.41 3.80 9.34
CA SER A 287 33.72 4.29 10.69
C SER A 287 35.12 3.82 11.02
N PRO A 288 36.13 4.69 10.87
CA PRO A 288 37.50 4.28 11.21
C PRO A 288 37.65 3.81 12.63
N HIS A 289 36.75 4.20 13.52
CA HIS A 289 36.81 3.79 14.92
C HIS A 289 35.37 3.65 15.40
N GLY A 290 34.89 2.41 15.46
CA GLY A 290 33.51 2.13 15.79
C GLY A 290 32.85 1.27 14.73
N LYS A 291 31.58 0.95 14.98
CA LYS A 291 30.80 0.07 14.11
C LYS A 291 29.42 0.68 13.87
N ASP A 292 29.08 0.88 12.60
CA ASP A 292 27.75 1.36 12.18
C ASP A 292 27.41 2.72 12.79
N LEU A 293 28.37 3.64 12.78
CA LEU A 293 28.13 4.97 13.32
C LEU A 293 27.32 5.79 12.32
N LEU A 294 26.24 6.41 12.82
CA LEU A 294 25.28 7.17 12.02
C LEU A 294 24.53 6.31 11.02
N PHE A 295 25.24 5.50 10.23
CA PHE A 295 24.57 4.63 9.26
C PHE A 295 25.18 3.24 9.32
N LYS A 296 24.44 2.26 8.81
CA LYS A 296 25.01 0.92 8.67
C LYS A 296 26.17 0.94 7.68
N ASP A 297 27.31 0.42 8.11
CA ASP A 297 28.49 0.40 7.25
C ASP A 297 28.27 -0.40 5.99
N SER A 298 27.31 -1.32 6.00
CA SER A 298 26.98 -2.15 4.84
C SER A 298 26.04 -1.46 3.87
N ALA A 299 25.60 -0.24 4.15
CA ALA A 299 24.71 0.46 3.25
C ALA A 299 25.44 0.87 1.98
N HIS A 300 24.68 1.00 0.89
CA HIS A 300 25.22 1.40 -0.40
C HIS A 300 24.68 2.74 -0.87
N GLY A 301 23.79 3.37 -0.11
CA GLY A 301 23.23 4.65 -0.48
C GLY A 301 21.91 4.91 0.21
N PHE A 302 21.24 5.96 -0.24
CA PHE A 302 19.96 6.37 0.33
C PHE A 302 18.90 6.48 -0.77
N LEU A 303 17.67 6.09 -0.43
CA LEU A 303 16.50 6.34 -1.25
C LEU A 303 15.56 7.26 -0.51
N LYS A 304 14.89 8.15 -1.26
CA LYS A 304 13.95 9.09 -0.67
C LYS A 304 12.61 8.39 -0.46
N VAL A 305 12.11 8.44 0.76
CA VAL A 305 10.82 7.81 1.08
C VAL A 305 9.70 8.66 0.50
N PRO A 306 8.75 8.06 -0.24
CA PRO A 306 7.70 8.86 -0.88
C PRO A 306 6.90 9.65 0.14
N PRO A 307 6.52 10.88 -0.19
CA PRO A 307 5.93 11.77 0.81
C PRO A 307 4.60 11.29 1.38
N ARG A 308 3.83 10.50 0.61
CA ARG A 308 2.55 10.00 1.10
C ARG A 308 2.72 9.08 2.30
N MET A 309 3.92 8.57 2.54
CA MET A 309 4.12 7.45 3.45
C MET A 309 4.16 7.93 4.90
N ASP A 310 3.29 7.36 5.73
CA ASP A 310 3.38 7.51 7.18
C ASP A 310 4.03 6.27 7.78
N ALA A 311 4.16 6.26 9.11
CA ALA A 311 4.92 5.21 9.76
C ALA A 311 4.18 3.88 9.76
N LYS A 312 2.89 3.88 10.13
CA LYS A 312 2.12 2.65 10.09
C LYS A 312 2.14 2.03 8.69
N MET A 313 2.12 2.86 7.66
CA MET A 313 2.14 2.35 6.29
C MET A 313 3.51 1.85 5.89
N TYR A 314 4.58 2.45 6.40
CA TYR A 314 5.93 2.09 5.99
C TYR A 314 6.39 0.80 6.67
N LEU A 315 6.05 0.64 7.96
CA LEU A 315 6.34 -0.61 8.66
C LEU A 315 5.47 -1.75 8.15
N GLY A 316 4.22 -1.47 7.82
CA GLY A 316 3.30 -2.50 7.39
C GLY A 316 2.33 -2.90 8.48
N TYR A 317 1.19 -3.46 8.06
CA TYR A 317 0.13 -3.75 9.01
C TYR A 317 0.50 -4.90 9.94
N GLU A 318 1.14 -5.95 9.39
CA GLU A 318 1.48 -7.12 10.20
C GLU A 318 2.57 -6.80 11.21
N TYR A 319 3.56 -6.00 10.83
CA TYR A 319 4.60 -5.60 11.77
C TYR A 319 4.01 -4.79 12.92
N VAL A 320 3.24 -3.75 12.60
CA VAL A 320 2.64 -2.92 13.64
C VAL A 320 1.77 -3.76 14.56
N THR A 321 1.01 -4.71 14.01
CA THR A 321 0.22 -5.61 14.83
C THR A 321 1.10 -6.37 15.81
N ALA A 322 2.21 -6.92 15.31
CA ALA A 322 3.05 -7.79 16.14
C ALA A 322 3.69 -7.01 17.28
N ILE A 323 4.24 -5.83 17.00
CA ILE A 323 4.95 -5.09 18.04
C ILE A 323 3.98 -4.42 19.00
N ARG A 324 2.84 -3.93 18.50
CA ARG A 324 1.81 -3.41 19.38
C ARG A 324 1.36 -4.47 20.39
N ASN A 325 1.25 -5.73 19.93
CA ASN A 325 0.91 -6.81 20.85
C ASN A 325 1.97 -6.99 21.92
N LEU A 326 3.25 -6.86 21.54
CA LEU A 326 4.32 -6.99 22.52
C LEU A 326 4.31 -5.82 23.50
N ARG A 327 4.10 -4.60 22.99
CA ARG A 327 4.17 -3.42 23.84
C ARG A 327 2.98 -3.36 24.80
N GLU A 328 1.76 -3.46 24.26
CA GLU A 328 0.56 -3.22 25.05
C GLU A 328 -0.02 -4.50 25.64
N GLY A 329 0.07 -5.62 24.93
CA GLY A 329 -0.38 -6.89 25.45
C GLY A 329 -1.87 -6.97 25.72
N THR A 330 -2.68 -6.55 24.75
CA THR A 330 -4.13 -6.49 24.91
C THR A 330 -4.78 -7.49 23.95
N CYS A 331 -5.52 -8.44 24.51
CA CYS A 331 -6.28 -9.43 23.76
C CYS A 331 -7.74 -9.40 24.19
N PRO A 332 -8.68 -9.67 23.27
CA PRO A 332 -10.10 -9.65 23.64
C PRO A 332 -10.48 -10.85 24.50
N CYS A 339 -16.04 -11.07 14.74
CA CYS A 339 -16.09 -10.18 13.57
C CYS A 339 -15.99 -8.71 13.95
N LYS A 340 -16.29 -8.40 15.21
CA LYS A 340 -16.32 -7.02 15.70
C LYS A 340 -17.34 -6.23 14.88
N PRO A 341 -17.48 -4.93 15.11
CA PRO A 341 -18.19 -4.10 14.12
C PRO A 341 -17.30 -3.74 12.95
N VAL A 342 -17.93 -3.67 11.78
CA VAL A 342 -17.21 -3.29 10.57
C VAL A 342 -17.14 -1.77 10.50
N LYS A 343 -15.92 -1.23 10.41
CA LYS A 343 -15.72 0.21 10.28
C LYS A 343 -15.69 0.56 8.80
N TRP A 344 -16.84 0.99 8.28
CA TRP A 344 -16.91 1.55 6.94
C TRP A 344 -16.35 2.96 6.93
N CYS A 345 -15.66 3.32 5.86
CA CYS A 345 -15.12 4.65 5.71
C CYS A 345 -15.91 5.43 4.68
N ALA A 346 -16.13 6.72 4.96
CA ALA A 346 -16.91 7.60 4.09
C ALA A 346 -16.05 8.78 3.67
N LEU A 347 -16.51 9.50 2.65
CA LEU A 347 -15.73 10.58 2.08
C LEU A 347 -16.38 11.94 2.34
N SER A 348 -17.36 12.30 1.53
CA SER A 348 -17.94 13.64 1.59
C SER A 348 -18.77 13.81 2.87
N HIS A 349 -19.12 15.08 3.13
CA HIS A 349 -20.03 15.38 4.23
C HIS A 349 -21.38 14.70 4.03
N HIS A 350 -21.87 14.67 2.78
CA HIS A 350 -23.14 14.02 2.50
C HIS A 350 -23.03 12.50 2.60
N GLU A 351 -21.84 11.94 2.39
CA GLU A 351 -21.70 10.49 2.38
C GLU A 351 -21.58 9.92 3.79
N ARG A 352 -20.95 10.66 4.70
CA ARG A 352 -20.86 10.19 6.08
C ARG A 352 -22.22 10.13 6.74
N LEU A 353 -23.13 11.04 6.38
CA LEU A 353 -24.46 11.05 6.99
C LEU A 353 -25.25 9.81 6.61
N LYS A 354 -25.12 9.34 5.37
CA LYS A 354 -25.74 8.06 5.01
C LYS A 354 -25.20 6.92 5.85
N CYS A 355 -23.89 6.92 6.10
CA CYS A 355 -23.29 5.84 6.88
C CYS A 355 -23.83 5.85 8.32
N ASP A 356 -23.99 7.04 8.89
CA ASP A 356 -24.54 7.14 10.25
C ASP A 356 -25.93 6.52 10.32
N GLU A 357 -26.78 6.83 9.34
CA GLU A 357 -28.08 6.17 9.25
C GLU A 357 -27.93 4.65 9.14
N TRP A 358 -26.99 4.20 8.31
CA TRP A 358 -26.73 2.78 8.19
C TRP A 358 -26.22 2.19 9.49
N SER A 359 -25.37 2.92 10.21
CA SER A 359 -24.79 2.39 11.43
C SER A 359 -25.84 2.19 12.52
N VAL A 360 -26.73 3.17 12.69
CA VAL A 360 -27.77 3.02 13.71
C VAL A 360 -28.81 1.99 13.27
N ASN A 361 -29.02 1.84 11.97
CA ASN A 361 -29.95 0.82 11.48
C ASN A 361 -29.33 -0.58 11.54
N SER A 362 -28.01 -0.66 11.49
CA SER A 362 -27.33 -1.95 11.65
C SER A 362 -27.31 -2.43 13.09
N VAL A 363 -27.62 -1.56 14.05
CA VAL A 363 -27.57 -1.87 15.47
C VAL A 363 -26.18 -2.38 15.84
N GLY A 364 -25.16 -1.55 15.61
CA GLY A 364 -23.82 -1.85 16.04
C GLY A 364 -22.98 -2.61 15.02
N LYS A 365 -23.61 -3.42 14.16
CA LYS A 365 -22.87 -4.24 13.22
C LYS A 365 -22.02 -3.40 12.26
N ILE A 366 -22.38 -2.13 12.05
CA ILE A 366 -21.66 -1.24 11.15
C ILE A 366 -21.31 0.03 11.90
N GLU A 367 -20.04 0.43 11.82
CA GLU A 367 -19.61 1.73 12.31
C GLU A 367 -19.00 2.53 11.15
N CYS A 368 -18.73 3.81 11.42
CA CYS A 368 -18.40 4.77 10.38
C CYS A 368 -17.18 5.58 10.77
N VAL A 369 -16.16 5.55 9.92
CA VAL A 369 -15.01 6.45 9.97
C VAL A 369 -15.03 7.22 8.64
N SER A 370 -14.35 8.36 8.60
CA SER A 370 -14.40 9.19 7.40
C SER A 370 -13.04 9.79 7.12
N ALA A 371 -12.82 10.09 5.84
CA ALA A 371 -11.61 10.75 5.36
C ALA A 371 -12.00 11.70 4.24
N GLU A 372 -11.02 12.49 3.78
CA GLU A 372 -11.27 13.49 2.76
C GLU A 372 -11.07 12.97 1.34
N THR A 373 -10.28 11.91 1.16
CA THR A 373 -9.95 11.39 -0.15
C THR A 373 -10.14 9.88 -0.17
N THR A 374 -10.44 9.34 -1.35
CA THR A 374 -10.51 7.89 -1.50
C THR A 374 -9.17 7.25 -1.12
N GLU A 375 -8.05 7.89 -1.49
CA GLU A 375 -6.74 7.36 -1.13
C GLU A 375 -6.54 7.39 0.39
N ASP A 376 -7.01 8.45 1.06
CA ASP A 376 -6.94 8.49 2.51
C ASP A 376 -7.73 7.34 3.13
N CYS A 377 -8.92 7.08 2.60
CA CYS A 377 -9.69 5.91 3.02
C CYS A 377 -8.94 4.62 2.76
N ILE A 378 -8.43 4.45 1.54
CA ILE A 378 -7.67 3.25 1.22
C ILE A 378 -6.55 3.06 2.24
N ALA A 379 -5.84 4.14 2.57
CA ALA A 379 -4.79 4.07 3.56
C ALA A 379 -5.32 3.62 4.93
N LYS A 380 -6.47 4.17 5.34
CA LYS A 380 -7.03 3.79 6.64
C LYS A 380 -7.43 2.32 6.67
N ILE A 381 -7.84 1.76 5.53
CA ILE A 381 -8.18 0.34 5.48
C ILE A 381 -6.92 -0.51 5.62
N MET A 382 -5.78 -0.04 5.10
CA MET A 382 -4.55 -0.82 5.20
C MET A 382 -4.07 -0.95 6.64
N ASN A 383 -4.12 0.13 7.41
CA ASN A 383 -3.54 0.15 8.75
C ASN A 383 -4.56 -0.07 9.85
N GLY A 384 -5.80 -0.46 9.51
CA GLY A 384 -6.77 -0.88 10.49
C GLY A 384 -7.71 0.19 11.00
N GLU A 385 -7.49 1.46 10.63
CA GLU A 385 -8.43 2.50 11.05
C GLU A 385 -9.82 2.27 10.45
N ALA A 386 -9.88 1.66 9.27
CA ALA A 386 -11.14 1.30 8.63
C ALA A 386 -11.04 -0.12 8.10
N ASP A 387 -12.19 -0.70 7.76
CA ASP A 387 -12.22 -2.07 7.24
C ASP A 387 -12.61 -2.15 5.77
N ALA A 388 -13.75 -1.59 5.37
CA ALA A 388 -14.25 -1.81 4.02
C ALA A 388 -14.73 -0.51 3.39
N MET A 389 -14.81 -0.53 2.07
CA MET A 389 -15.33 0.56 1.25
C MET A 389 -15.52 0.03 -0.17
N SER A 390 -16.43 0.66 -0.90
CA SER A 390 -16.69 0.30 -2.29
C SER A 390 -15.85 1.19 -3.20
N LEU A 391 -15.21 0.58 -4.19
CA LEU A 391 -14.19 1.25 -4.98
C LEU A 391 -14.43 1.04 -6.46
N ASP A 392 -14.18 2.08 -7.25
CA ASP A 392 -14.09 1.95 -8.69
C ASP A 392 -12.98 0.95 -9.04
N GLY A 393 -13.10 0.34 -10.22
CA GLY A 393 -12.12 -0.65 -10.63
C GLY A 393 -10.71 -0.12 -10.65
N GLY A 394 -10.53 1.14 -11.06
CA GLY A 394 -9.21 1.75 -11.04
C GLY A 394 -8.65 1.87 -9.64
N PHE A 395 -9.51 2.11 -8.64
CA PHE A 395 -9.05 2.17 -7.26
C PHE A 395 -8.80 0.78 -6.69
N VAL A 396 -9.52 -0.24 -7.18
CA VAL A 396 -9.24 -1.61 -6.78
C VAL A 396 -7.82 -2.00 -7.16
N TYR A 397 -7.35 -1.50 -8.32
CA TYR A 397 -5.96 -1.70 -8.70
C TYR A 397 -5.02 -1.05 -7.68
N ILE A 398 -5.27 0.22 -7.35
CA ILE A 398 -4.46 0.88 -6.32
C ILE A 398 -4.52 0.09 -5.02
N ALA A 399 -5.74 -0.26 -4.59
CA ALA A 399 -5.90 -0.93 -3.30
C ALA A 399 -5.28 -2.33 -3.32
N GLY A 400 -5.38 -3.03 -4.45
CA GLY A 400 -4.76 -4.34 -4.55
C GLY A 400 -3.25 -4.26 -4.45
N LYS A 401 -2.65 -3.34 -5.19
CA LYS A 401 -1.20 -3.17 -5.13
C LYS A 401 -0.74 -2.66 -3.77
N CYS A 402 -1.66 -2.21 -2.91
CA CYS A 402 -1.37 -1.89 -1.52
C CYS A 402 -1.71 -3.04 -0.58
N GLY A 403 -2.06 -4.21 -1.11
CA GLY A 403 -2.30 -5.38 -0.29
C GLY A 403 -3.73 -5.65 0.09
N LEU A 404 -4.69 -4.85 -0.39
CA LEU A 404 -6.08 -5.07 -0.09
C LEU A 404 -6.69 -6.02 -1.13
N VAL A 405 -7.79 -6.65 -0.75
CA VAL A 405 -8.43 -7.65 -1.61
C VAL A 405 -9.89 -7.29 -1.85
N PRO A 406 -10.43 -7.58 -3.04
CA PRO A 406 -11.86 -7.39 -3.27
C PRO A 406 -12.68 -8.53 -2.67
N VAL A 407 -13.77 -8.17 -2.01
CA VAL A 407 -14.58 -9.12 -1.26
C VAL A 407 -15.95 -9.35 -1.91
N LEU A 408 -16.65 -8.27 -2.25
CA LEU A 408 -17.92 -8.37 -2.95
C LEU A 408 -17.95 -7.33 -4.07
N ALA A 409 -18.72 -7.63 -5.10
CA ALA A 409 -18.89 -6.76 -6.26
C ALA A 409 -20.32 -6.26 -6.34
N GLU A 410 -20.48 -4.98 -6.69
CA GLU A 410 -21.82 -4.44 -6.90
C GLU A 410 -22.36 -4.93 -8.24
N ASN A 411 -23.53 -5.54 -8.23
CA ASN A 411 -24.15 -6.07 -9.44
C ASN A 411 -25.24 -5.11 -9.91
N TYR A 412 -25.31 -4.92 -11.23
CA TYR A 412 -26.23 -3.94 -11.81
C TYR A 412 -27.40 -4.57 -12.55
N ASN A 413 -27.42 -5.89 -12.70
CA ASN A 413 -28.49 -6.57 -13.41
C ASN A 413 -29.32 -7.45 -12.48
N ALA A 424 -19.53 -11.35 -15.10
CA ALA A 424 -19.95 -10.38 -16.10
C ALA A 424 -20.05 -8.99 -15.49
N GLY A 425 -19.82 -7.96 -16.32
CA GLY A 425 -19.90 -6.59 -15.86
C GLY A 425 -20.58 -5.68 -16.87
N TYR A 426 -20.53 -4.37 -16.64
CA TYR A 426 -21.19 -3.42 -17.52
C TYR A 426 -20.32 -3.17 -18.75
N PHE A 427 -20.79 -2.28 -19.62
CA PHE A 427 -20.14 -2.01 -20.91
C PHE A 427 -19.60 -0.59 -20.94
N ALA A 428 -18.29 -0.46 -21.16
CA ALA A 428 -17.67 0.84 -21.36
C ALA A 428 -17.85 1.28 -22.79
N VAL A 429 -18.37 2.50 -22.99
CA VAL A 429 -18.74 2.98 -24.31
C VAL A 429 -18.11 4.34 -24.56
N ALA A 430 -18.10 4.73 -25.83
CA ALA A 430 -17.67 6.05 -26.27
C ALA A 430 -18.83 6.73 -26.97
N VAL A 431 -19.22 7.91 -26.49
CA VAL A 431 -20.44 8.58 -26.95
C VAL A 431 -20.05 9.84 -27.71
N VAL A 432 -20.76 10.08 -28.82
CA VAL A 432 -20.56 11.27 -29.64
C VAL A 432 -21.92 11.89 -29.93
N LYS A 433 -21.91 13.14 -30.37
CA LYS A 433 -23.12 13.78 -30.85
C LYS A 433 -23.36 13.37 -32.30
N LYS A 434 -24.59 12.92 -32.61
CA LYS A 434 -24.83 12.33 -33.93
C LYS A 434 -24.67 13.34 -35.06
N SER A 435 -25.03 14.61 -34.82
CA SER A 435 -24.88 15.63 -35.86
C SER A 435 -23.47 15.64 -36.42
N ALA A 436 -22.47 15.38 -35.57
CA ALA A 436 -21.10 15.19 -36.01
C ALA A 436 -20.92 13.75 -36.45
N SER A 437 -21.48 13.43 -37.62
CA SER A 437 -21.21 12.15 -38.28
C SER A 437 -19.76 12.02 -38.73
N ASP A 438 -18.95 13.05 -38.51
CA ASP A 438 -17.54 13.02 -38.88
C ASP A 438 -16.75 12.04 -38.02
N LEU A 439 -17.06 11.95 -36.74
CA LEU A 439 -16.23 11.22 -35.80
C LEU A 439 -16.34 9.71 -36.00
N THR A 440 -15.23 9.02 -35.74
CA THR A 440 -15.17 7.56 -35.79
C THR A 440 -14.02 7.12 -34.90
N TRP A 441 -14.14 5.89 -34.38
CA TRP A 441 -13.13 5.39 -33.45
C TRP A 441 -11.75 5.31 -34.09
N ASP A 442 -11.68 5.18 -35.42
CA ASP A 442 -10.39 5.00 -36.07
C ASP A 442 -9.59 6.29 -36.19
N ASN A 443 -10.17 7.45 -35.85
CA ASN A 443 -9.41 8.70 -35.86
C ASN A 443 -10.11 9.70 -34.94
N LEU A 444 -9.58 9.84 -33.72
CA LEU A 444 -9.98 10.90 -32.81
C LEU A 444 -8.83 11.84 -32.50
N LYS A 445 -7.71 11.72 -33.21
CA LYS A 445 -6.58 12.60 -32.97
C LYS A 445 -6.98 14.05 -33.21
N GLY A 446 -6.68 14.91 -32.24
CA GLY A 446 -7.08 16.29 -32.34
C GLY A 446 -8.56 16.53 -32.07
N LYS A 447 -9.16 15.75 -31.19
CA LYS A 447 -10.56 15.91 -30.83
C LYS A 447 -10.66 16.39 -29.38
N LYS A 448 -11.89 16.55 -28.91
CA LYS A 448 -12.17 17.00 -27.55
C LYS A 448 -12.78 15.86 -26.76
N SER A 449 -12.07 15.38 -25.76
CA SER A 449 -12.48 14.21 -24.99
C SER A 449 -13.04 14.60 -23.64
N CYS A 450 -13.99 13.81 -23.16
CA CYS A 450 -14.61 14.02 -21.85
C CYS A 450 -14.49 12.73 -21.06
N HIS A 451 -13.69 12.77 -20.00
CA HIS A 451 -13.41 11.60 -19.18
C HIS A 451 -14.07 11.77 -17.82
N THR A 452 -14.52 10.65 -17.24
CA THR A 452 -15.08 10.69 -15.89
C THR A 452 -14.05 11.23 -14.90
N ALA A 453 -12.86 10.66 -14.92
CA ALA A 453 -11.69 11.12 -14.18
C ALA A 453 -10.51 10.28 -14.64
N VAL A 454 -9.32 10.69 -14.22
CA VAL A 454 -8.11 9.97 -14.60
C VAL A 454 -7.97 8.75 -13.69
N GLY A 455 -7.66 7.60 -14.29
CA GLY A 455 -7.44 6.38 -13.53
C GLY A 455 -8.69 5.62 -13.17
N ARG A 456 -9.85 5.97 -13.74
CA ARG A 456 -11.09 5.27 -13.46
C ARG A 456 -11.46 4.33 -14.62
N THR A 457 -12.25 3.31 -14.29
CA THR A 457 -12.58 2.22 -15.21
C THR A 457 -13.18 2.73 -16.52
N ALA A 458 -14.42 3.23 -16.46
CA ALA A 458 -15.15 3.56 -17.68
C ALA A 458 -14.53 4.74 -18.41
N GLY A 459 -14.11 5.76 -17.68
CA GLY A 459 -13.68 7.01 -18.29
C GLY A 459 -12.20 7.16 -18.55
N TRP A 460 -11.38 6.17 -18.24
CA TRP A 460 -9.96 6.32 -18.49
C TRP A 460 -9.25 5.00 -18.80
N ASN A 461 -9.27 4.07 -17.84
CA ASN A 461 -8.42 2.89 -17.93
C ASN A 461 -8.75 2.03 -19.14
N ILE A 462 -10.04 1.93 -19.50
CA ILE A 462 -10.43 1.12 -20.65
C ILE A 462 -10.26 1.91 -21.95
N PRO A 463 -10.77 3.16 -22.05
CA PRO A 463 -10.53 3.91 -23.31
C PRO A 463 -9.06 4.17 -23.57
N MET A 464 -8.33 4.72 -22.59
CA MET A 464 -6.94 5.07 -22.81
C MET A 464 -6.03 3.85 -22.85
N GLY A 465 -6.46 2.72 -22.27
CA GLY A 465 -5.71 1.49 -22.45
C GLY A 465 -5.70 1.04 -23.90
N LEU A 466 -6.88 1.04 -24.53
CA LEU A 466 -6.96 0.70 -25.94
C LEU A 466 -6.20 1.70 -26.80
N LEU A 467 -6.27 2.99 -26.45
CA LEU A 467 -5.60 4.01 -27.23
C LEU A 467 -4.08 3.85 -27.16
N TYR A 468 -3.57 3.42 -26.00
CA TYR A 468 -2.13 3.20 -25.85
C TYR A 468 -1.60 2.23 -26.89
N ASN A 469 -2.40 1.23 -27.26
CA ASN A 469 -1.94 0.19 -28.17
C ASN A 469 -1.79 0.72 -29.59
N LYS A 470 -2.53 1.76 -29.96
CA LYS A 470 -2.42 2.34 -31.29
C LYS A 470 -1.40 3.46 -31.39
N ILE A 471 -1.05 4.10 -30.27
CA ILE A 471 -0.21 5.28 -30.31
C ILE A 471 1.11 5.11 -29.57
N ASN A 472 1.23 4.10 -28.69
CA ASN A 472 2.50 3.71 -28.07
C ASN A 472 3.01 4.74 -27.06
N HIS A 473 2.11 5.52 -26.47
CA HIS A 473 2.47 6.36 -25.32
C HIS A 473 1.19 6.80 -24.63
N CYS A 474 1.35 7.27 -23.39
CA CYS A 474 0.23 7.69 -22.55
C CYS A 474 0.16 9.20 -22.38
N ARG A 475 0.87 9.97 -23.21
CA ARG A 475 0.80 11.43 -23.18
C ARG A 475 -0.39 11.89 -24.01
N PHE A 476 -1.59 11.66 -23.47
CA PHE A 476 -2.81 12.00 -24.18
C PHE A 476 -3.09 13.50 -24.21
N ASP A 477 -2.30 14.31 -23.49
CA ASP A 477 -2.46 15.76 -23.58
C ASP A 477 -2.19 16.25 -24.99
N GLU A 478 -1.33 15.54 -25.73
CA GLU A 478 -0.99 15.91 -27.10
C GLU A 478 -1.53 14.91 -28.12
N PHE A 479 -2.46 14.04 -27.72
CA PHE A 479 -3.24 13.28 -28.69
C PHE A 479 -4.56 13.97 -28.98
N PHE A 480 -5.33 14.30 -27.94
CA PHE A 480 -6.52 15.11 -28.13
C PHE A 480 -6.13 16.59 -28.19
N SER A 481 -6.98 17.38 -28.86
CA SER A 481 -6.84 18.83 -28.80
C SER A 481 -6.88 19.31 -27.36
N GLU A 482 -8.01 19.09 -26.70
CA GLU A 482 -8.20 19.43 -25.30
C GLU A 482 -9.26 18.50 -24.73
N GLY A 483 -9.63 18.74 -23.49
CA GLY A 483 -10.69 17.96 -22.90
C GLY A 483 -10.85 18.27 -21.44
N CYS A 484 -11.72 17.49 -20.79
CA CYS A 484 -11.86 17.54 -19.34
C CYS A 484 -11.69 16.11 -18.82
N ALA A 485 -10.56 15.86 -18.17
CA ALA A 485 -10.28 14.59 -17.49
C ALA A 485 -9.89 14.97 -16.07
N PRO A 486 -10.85 15.05 -15.16
CA PRO A 486 -10.54 15.46 -13.78
C PRO A 486 -9.49 14.55 -13.15
N GLY A 487 -8.59 15.17 -12.39
CA GLY A 487 -7.42 14.50 -11.86
C GLY A 487 -6.13 14.85 -12.57
N SER A 488 -6.21 15.52 -13.71
CA SER A 488 -5.03 15.95 -14.44
C SER A 488 -4.43 17.19 -13.78
N LYS A 489 -3.18 17.47 -14.13
CA LYS A 489 -2.53 18.69 -13.67
C LYS A 489 -3.24 19.90 -14.25
N LYS A 490 -3.43 20.93 -13.42
CA LYS A 490 -4.31 22.02 -13.80
C LYS A 490 -3.81 22.80 -15.00
N ASP A 491 -2.52 22.72 -15.31
CA ASP A 491 -1.99 23.37 -16.50
C ASP A 491 -2.17 22.56 -17.78
N SER A 492 -2.72 21.35 -17.67
CA SER A 492 -2.80 20.45 -18.81
C SER A 492 -3.90 20.88 -19.78
N SER A 493 -3.75 20.43 -21.03
CA SER A 493 -4.80 20.65 -22.02
C SER A 493 -6.02 19.77 -21.76
N LEU A 494 -5.86 18.69 -21.00
CA LEU A 494 -6.99 17.86 -20.60
C LEU A 494 -7.73 18.42 -19.40
N CYS A 495 -7.47 19.68 -19.04
CA CYS A 495 -8.26 20.40 -18.05
C CYS A 495 -8.97 21.61 -18.64
N LYS A 496 -8.71 21.95 -19.91
CA LYS A 496 -9.17 23.23 -20.45
C LYS A 496 -10.68 23.24 -20.66
N LEU A 497 -11.30 22.08 -20.91
CA LEU A 497 -12.75 22.01 -21.08
C LEU A 497 -13.50 21.83 -19.76
N CYS A 498 -12.79 21.70 -18.64
CA CYS A 498 -13.45 21.44 -17.37
C CYS A 498 -14.27 22.65 -16.92
N MET A 499 -15.06 22.42 -15.87
CA MET A 499 -16.12 23.34 -15.48
C MET A 499 -15.94 23.95 -14.10
N GLY A 500 -15.27 23.27 -13.18
CA GLY A 500 -15.12 23.82 -11.84
C GLY A 500 -14.43 25.16 -11.85
N SER A 501 -14.75 25.98 -10.84
CA SER A 501 -14.17 27.30 -10.71
C SER A 501 -13.23 27.35 -9.50
N GLY A 502 -12.33 28.33 -9.52
CA GLY A 502 -11.34 28.44 -8.46
C GLY A 502 -10.43 27.23 -8.47
N LEU A 503 -10.03 26.80 -7.26
CA LEU A 503 -9.19 25.61 -7.16
C LEU A 503 -9.97 24.32 -7.42
N ASN A 504 -11.28 24.39 -7.61
CA ASN A 504 -12.08 23.22 -7.93
C ASN A 504 -11.96 22.81 -9.40
N LEU A 505 -11.39 23.66 -10.25
CA LEU A 505 -11.22 23.33 -11.66
C LEU A 505 -10.42 22.05 -11.82
N CYS A 506 -10.98 21.09 -12.55
CA CYS A 506 -10.33 19.84 -12.92
C CYS A 506 -10.08 18.93 -11.71
N GLU A 507 -10.81 19.14 -10.59
CA GLU A 507 -10.45 18.24 -9.50
C GLU A 507 -11.42 17.06 -9.44
N PRO A 508 -10.95 15.87 -9.07
CA PRO A 508 -11.81 14.66 -9.12
C PRO A 508 -12.75 14.55 -7.92
N ASN A 509 -13.70 15.49 -7.83
CA ASN A 509 -14.69 15.47 -6.78
C ASN A 509 -15.95 16.17 -7.28
N ASN A 510 -16.95 16.28 -6.40
CA ASN A 510 -18.25 16.83 -6.79
C ASN A 510 -18.16 18.30 -7.16
N LYS A 511 -17.20 19.04 -6.62
CA LYS A 511 -17.10 20.46 -6.91
C LYS A 511 -16.61 20.75 -8.32
N GLU A 512 -16.38 19.72 -9.13
CA GLU A 512 -16.08 19.85 -10.56
C GLU A 512 -17.25 19.25 -11.33
N GLY A 513 -18.01 20.10 -12.03
CA GLY A 513 -19.26 19.70 -12.65
C GLY A 513 -19.13 18.65 -13.75
N TYR A 514 -17.94 18.45 -14.30
CA TYR A 514 -17.74 17.46 -15.36
C TYR A 514 -17.13 16.17 -14.83
N TYR A 515 -17.13 15.97 -13.51
CA TYR A 515 -16.59 14.78 -12.88
C TYR A 515 -17.65 13.68 -12.79
N GLY A 516 -17.23 12.45 -13.03
CA GLY A 516 -18.09 11.30 -12.89
C GLY A 516 -18.68 10.85 -14.22
N TYR A 517 -19.57 9.86 -14.12
CA TYR A 517 -20.23 9.33 -15.31
C TYR A 517 -21.09 10.41 -15.97
N THR A 518 -21.96 11.05 -15.19
CA THR A 518 -22.85 12.06 -15.73
C THR A 518 -22.09 13.32 -16.12
N GLY A 519 -21.15 13.75 -15.28
CA GLY A 519 -20.38 14.95 -15.60
C GLY A 519 -19.66 14.83 -16.94
N ALA A 520 -19.09 13.65 -17.22
CA ALA A 520 -18.44 13.44 -18.51
C ALA A 520 -19.42 13.56 -19.66
N PHE A 521 -20.64 13.04 -19.48
CA PHE A 521 -21.67 13.21 -20.50
C PHE A 521 -22.02 14.68 -20.69
N ARG A 522 -22.26 15.40 -19.59
CA ARG A 522 -22.50 16.84 -19.69
C ARG A 522 -21.37 17.53 -20.45
N CYS A 523 -20.13 17.12 -20.20
CA CYS A 523 -19.00 17.68 -20.94
C CYS A 523 -19.16 17.47 -22.43
N LEU A 524 -19.62 16.29 -22.85
CA LEU A 524 -19.88 16.05 -24.26
C LEU A 524 -21.02 16.92 -24.76
N VAL A 525 -22.06 17.08 -23.95
CA VAL A 525 -23.24 17.83 -24.38
C VAL A 525 -22.92 19.31 -24.58
N GLU A 526 -21.97 19.85 -23.83
CA GLU A 526 -21.72 21.28 -23.85
C GLU A 526 -20.42 21.69 -24.54
N LYS A 527 -19.38 20.86 -24.54
CA LYS A 527 -18.09 21.29 -25.07
C LYS A 527 -17.38 20.23 -25.92
N GLY A 528 -17.40 18.97 -25.48
CA GLY A 528 -16.53 17.97 -26.05
C GLY A 528 -17.04 17.36 -27.35
N ASP A 529 -16.20 16.47 -27.91
CA ASP A 529 -16.51 15.70 -29.11
C ASP A 529 -16.82 14.24 -28.79
N VAL A 530 -16.16 13.66 -27.79
CA VAL A 530 -16.37 12.26 -27.41
C VAL A 530 -16.36 12.17 -25.90
N ALA A 531 -17.22 11.30 -25.36
CA ALA A 531 -17.30 11.06 -23.92
C ALA A 531 -17.15 9.56 -23.66
N PHE A 532 -16.33 9.22 -22.68
CA PHE A 532 -16.08 7.84 -22.29
C PHE A 532 -16.80 7.56 -20.99
N VAL A 533 -17.89 6.79 -21.06
CA VAL A 533 -18.76 6.54 -19.91
C VAL A 533 -19.21 5.09 -19.92
N LYS A 534 -20.24 4.78 -19.13
CA LYS A 534 -20.84 3.46 -19.06
C LYS A 534 -22.15 3.43 -19.84
N HIS A 535 -22.57 2.22 -20.22
CA HIS A 535 -23.69 2.06 -21.15
C HIS A 535 -25.02 2.56 -20.60
N GLN A 536 -25.11 2.80 -19.29
CA GLN A 536 -26.33 3.32 -18.70
C GLN A 536 -26.37 4.84 -18.68
N THR A 537 -25.26 5.52 -19.00
CA THR A 537 -25.16 6.95 -18.75
C THR A 537 -26.12 7.75 -19.63
N VAL A 538 -26.00 7.60 -20.95
CA VAL A 538 -26.82 8.40 -21.86
C VAL A 538 -28.31 8.11 -21.68
N PRO A 539 -28.77 6.86 -21.57
CA PRO A 539 -30.20 6.65 -21.29
C PRO A 539 -30.64 7.28 -19.98
N GLN A 540 -29.82 7.22 -18.94
CA GLN A 540 -30.22 7.73 -17.62
C GLN A 540 -30.37 9.24 -17.60
N ASN A 541 -29.78 9.97 -18.55
CA ASN A 541 -29.73 11.43 -18.48
C ASN A 541 -30.39 12.10 -19.68
N THR A 542 -31.19 11.38 -20.45
CA THR A 542 -31.89 11.97 -21.59
C THR A 542 -33.40 11.75 -21.43
N GLY A 543 -34.16 12.28 -22.38
CA GLY A 543 -35.60 12.08 -22.38
C GLY A 543 -36.29 12.57 -21.14
N GLY A 544 -35.83 13.68 -20.57
CA GLY A 544 -36.44 14.25 -19.39
C GLY A 544 -36.15 13.52 -18.09
N LYS A 545 -35.44 12.39 -18.12
CA LYS A 545 -35.12 11.68 -16.88
C LYS A 545 -34.23 12.53 -15.98
N ASN A 546 -33.30 13.28 -16.56
CA ASN A 546 -32.50 14.24 -15.80
C ASN A 546 -33.14 15.62 -15.92
N PRO A 547 -33.65 16.20 -14.83
CA PRO A 547 -34.36 17.47 -14.93
C PRO A 547 -33.47 18.71 -15.01
N ASP A 548 -32.16 18.56 -14.78
CA ASP A 548 -31.28 19.72 -14.80
C ASP A 548 -31.32 20.41 -16.16
N PRO A 549 -31.19 21.74 -16.18
CA PRO A 549 -31.33 22.47 -17.47
C PRO A 549 -30.42 21.98 -18.57
N TRP A 550 -29.25 21.44 -18.24
CA TRP A 550 -28.30 21.03 -19.26
C TRP A 550 -28.73 19.73 -19.95
N ALA A 551 -29.61 18.94 -19.33
CA ALA A 551 -30.00 17.64 -19.84
C ALA A 551 -31.50 17.49 -20.06
N LYS A 552 -32.32 18.42 -19.57
CA LYS A 552 -33.77 18.23 -19.57
C LYS A 552 -34.33 18.00 -20.97
N ASN A 553 -33.77 18.69 -21.97
CA ASN A 553 -34.34 18.68 -23.31
C ASN A 553 -33.49 17.89 -24.30
N LEU A 554 -32.56 17.09 -23.82
CA LEU A 554 -31.78 16.22 -24.69
C LEU A 554 -32.60 14.96 -25.02
N ASN A 555 -32.42 14.48 -26.24
CA ASN A 555 -33.03 13.23 -26.68
C ASN A 555 -31.95 12.19 -26.89
N GLU A 556 -32.14 11.02 -26.26
CA GLU A 556 -31.20 9.92 -26.42
C GLU A 556 -30.90 9.62 -27.88
N LYS A 557 -31.89 9.82 -28.76
CA LYS A 557 -31.73 9.55 -30.18
C LYS A 557 -30.73 10.46 -30.86
N ASP A 558 -30.28 11.55 -30.22
CA ASP A 558 -29.36 12.49 -30.83
C ASP A 558 -27.90 12.17 -30.55
N TYR A 559 -27.62 10.97 -30.02
CA TYR A 559 -26.26 10.58 -29.66
C TYR A 559 -26.03 9.15 -30.12
N GLU A 560 -24.78 8.86 -30.50
CA GLU A 560 -24.40 7.53 -30.98
C GLU A 560 -23.19 7.04 -30.21
N LEU A 561 -22.90 5.75 -30.38
CA LEU A 561 -21.75 5.10 -29.78
C LEU A 561 -20.72 4.78 -30.85
N LEU A 562 -19.44 4.98 -30.51
CA LEU A 562 -18.34 4.63 -31.39
C LEU A 562 -17.95 3.18 -31.17
N CYS A 563 -18.02 2.38 -32.23
CA CYS A 563 -17.66 0.97 -32.15
C CYS A 563 -16.20 0.77 -32.56
N LEU A 564 -15.64 -0.35 -32.11
CA LEU A 564 -14.27 -0.69 -32.46
C LEU A 564 -14.12 -1.02 -33.94
N ASP A 565 -15.22 -1.39 -34.60
CA ASP A 565 -15.24 -1.54 -36.05
C ASP A 565 -14.64 -0.34 -36.75
N GLY A 566 -14.94 0.86 -36.25
CA GLY A 566 -14.81 2.09 -37.00
C GLY A 566 -16.15 2.68 -37.38
N THR A 567 -17.25 2.02 -37.04
CA THR A 567 -18.59 2.48 -37.35
C THR A 567 -19.22 3.12 -36.12
N ARG A 568 -20.50 3.49 -36.25
CA ARG A 568 -21.27 4.09 -35.17
C ARG A 568 -22.64 3.44 -35.15
N LYS A 569 -23.23 3.37 -33.96
CA LYS A 569 -24.52 2.73 -33.76
C LYS A 569 -25.30 3.49 -32.70
N PRO A 570 -26.62 3.29 -32.63
CA PRO A 570 -27.43 4.02 -31.64
C PRO A 570 -27.01 3.72 -30.22
N VAL A 571 -27.55 4.53 -29.29
CA VAL A 571 -27.16 4.44 -27.90
C VAL A 571 -27.66 3.15 -27.26
N GLU A 572 -28.90 2.76 -27.57
CA GLU A 572 -29.49 1.59 -26.91
C GLU A 572 -28.83 0.28 -27.33
N GLU A 573 -28.09 0.27 -28.43
CA GLU A 573 -27.48 -0.94 -28.95
C GLU A 573 -26.03 -1.08 -28.48
N TYR A 574 -25.81 -0.93 -27.18
CA TYR A 574 -24.45 -0.93 -26.63
C TYR A 574 -23.82 -2.31 -26.67
N ALA A 575 -24.62 -3.38 -26.71
CA ALA A 575 -24.07 -4.73 -26.68
C ALA A 575 -23.16 -5.00 -27.87
N ASN A 576 -23.49 -4.43 -29.03
CA ASN A 576 -22.69 -4.63 -30.24
C ASN A 576 -21.91 -3.38 -30.64
N CYS A 577 -21.81 -2.39 -29.74
CA CYS A 577 -20.99 -1.20 -29.97
C CYS A 577 -20.43 -0.78 -28.61
N HIS A 578 -19.42 -1.52 -28.16
CA HIS A 578 -18.83 -1.35 -26.84
C HIS A 578 -17.31 -1.36 -26.96
N LEU A 579 -16.66 -0.60 -26.08
CA LEU A 579 -15.20 -0.59 -26.07
C LEU A 579 -14.65 -1.85 -25.40
N ALA A 580 -15.26 -2.28 -24.31
CA ALA A 580 -14.87 -3.49 -23.59
C ALA A 580 -15.92 -3.75 -22.50
N ARG A 581 -15.76 -4.87 -21.80
CA ARG A 581 -16.61 -5.22 -20.68
CA ARG A 581 -16.62 -5.21 -20.68
C ARG A 581 -15.94 -4.76 -19.40
N ALA A 582 -16.62 -3.89 -18.65
CA ALA A 582 -15.91 -3.33 -17.52
C ALA A 582 -16.24 -4.06 -16.22
N PRO A 583 -15.23 -4.26 -15.37
CA PRO A 583 -15.49 -4.80 -14.03
C PRO A 583 -16.21 -3.76 -13.18
N ASN A 584 -17.26 -4.20 -12.49
CA ASN A 584 -18.05 -3.30 -11.67
C ASN A 584 -17.32 -2.95 -10.39
N HIS A 585 -17.78 -1.90 -9.73
CA HIS A 585 -17.18 -1.50 -8.46
C HIS A 585 -17.26 -2.64 -7.45
N ALA A 586 -16.28 -2.71 -6.56
CA ALA A 586 -16.19 -3.81 -5.61
C ALA A 586 -15.85 -3.29 -4.23
N VAL A 587 -16.25 -4.05 -3.22
CA VAL A 587 -15.88 -3.76 -1.83
C VAL A 587 -14.50 -4.34 -1.58
N VAL A 588 -13.62 -3.53 -1.01
CA VAL A 588 -12.27 -4.00 -0.67
C VAL A 588 -12.08 -3.93 0.84
N THR A 589 -11.26 -4.85 1.34
CA THR A 589 -10.83 -4.87 2.72
C THR A 589 -9.49 -5.59 2.76
N ARG A 590 -8.91 -5.71 3.94
CA ARG A 590 -7.69 -6.49 4.08
C ARG A 590 -8.01 -7.96 4.30
N LYS A 591 -7.02 -8.81 4.04
CA LYS A 591 -7.28 -10.24 3.91
C LYS A 591 -7.74 -10.85 5.23
N ASP A 592 -7.32 -10.29 6.36
CA ASP A 592 -7.71 -10.79 7.66
C ASP A 592 -9.12 -10.37 8.07
N LYS A 593 -9.85 -9.65 7.21
CA LYS A 593 -11.23 -9.29 7.44
C LYS A 593 -12.14 -9.75 6.30
N GLU A 594 -11.60 -10.49 5.33
CA GLU A 594 -12.39 -10.91 4.18
C GLU A 594 -13.63 -11.68 4.60
N ALA A 595 -13.46 -12.70 5.44
CA ALA A 595 -14.59 -13.54 5.82
C ALA A 595 -15.63 -12.76 6.63
N CYS A 596 -15.18 -11.82 7.46
CA CYS A 596 -16.11 -11.12 8.35
C CYS A 596 -16.95 -10.10 7.58
N VAL A 597 -16.31 -9.31 6.71
CA VAL A 597 -17.06 -8.39 5.85
C VAL A 597 -17.97 -9.18 4.93
N HIS A 598 -17.51 -10.34 4.45
CA HIS A 598 -18.31 -11.19 3.59
C HIS A 598 -19.64 -11.58 4.26
N LYS A 599 -19.63 -11.75 5.58
CA LYS A 599 -20.82 -12.17 6.30
C LYS A 599 -21.70 -10.99 6.71
N ILE A 600 -21.13 -10.01 7.41
CA ILE A 600 -21.92 -8.90 7.94
C ILE A 600 -22.60 -8.14 6.80
N LEU A 601 -21.88 -7.91 5.71
CA LEU A 601 -22.45 -7.17 4.58
C LEU A 601 -23.54 -7.96 3.89
N ARG A 602 -23.27 -9.22 3.54
CA ARG A 602 -24.26 -10.03 2.84
C ARG A 602 -25.51 -10.23 3.70
N GLN A 603 -25.36 -10.15 5.03
CA GLN A 603 -26.52 -10.19 5.92
C GLN A 603 -27.21 -8.83 5.98
N GLN A 604 -26.44 -7.73 5.93
CA GLN A 604 -27.04 -6.41 5.84
C GLN A 604 -27.72 -6.19 4.49
N GLN A 605 -27.18 -6.81 3.44
CA GLN A 605 -27.78 -6.69 2.11
C GLN A 605 -29.11 -7.43 2.03
N HIS A 606 -29.22 -8.58 2.69
CA HIS A 606 -30.49 -9.30 2.75
C HIS A 606 -31.54 -8.57 3.58
N LEU A 607 -31.15 -7.54 4.35
CA LEU A 607 -32.06 -6.82 5.21
C LEU A 607 -32.37 -5.40 4.75
N PHE A 608 -31.48 -4.78 3.96
CA PHE A 608 -31.69 -3.42 3.48
C PHE A 608 -31.37 -3.30 1.99
N GLY A 609 -31.49 -4.40 1.24
CA GLY A 609 -31.02 -4.43 -0.13
C GLY A 609 -31.97 -3.87 -1.18
N SER A 610 -32.37 -4.73 -2.13
CA SER A 610 -33.12 -4.31 -3.31
C SER A 610 -34.63 -4.27 -3.06
N ASN A 611 -35.06 -3.94 -1.85
CA ASN A 611 -36.48 -3.83 -1.55
C ASN A 611 -36.78 -2.55 -0.78
N SER A 624 -29.93 6.23 -1.51
CA SER A 624 -29.11 7.39 -1.14
C SER A 624 -29.81 8.69 -1.47
N GLU A 625 -29.57 9.72 -0.65
CA GLU A 625 -30.28 10.98 -0.80
C GLU A 625 -29.73 11.82 -1.93
N THR A 626 -28.40 11.94 -2.03
CA THR A 626 -27.78 12.77 -3.05
C THR A 626 -27.64 11.97 -4.35
N LYS A 627 -26.47 11.40 -4.58
CA LYS A 627 -26.22 10.62 -5.78
C LYS A 627 -24.98 9.77 -5.57
N ASP A 628 -25.14 8.45 -5.60
CA ASP A 628 -24.04 7.49 -5.59
C ASP A 628 -23.27 7.52 -4.26
N LEU A 629 -24.01 7.54 -3.14
CA LEU A 629 -23.39 7.58 -1.83
C LEU A 629 -23.05 6.18 -1.35
N LEU A 630 -21.79 6.00 -0.94
CA LEU A 630 -21.27 4.74 -0.41
C LEU A 630 -21.31 3.60 -1.43
N PHE A 631 -22.47 3.36 -2.01
CA PHE A 631 -22.62 2.42 -3.11
C PHE A 631 -23.20 3.15 -4.32
N ARG A 632 -22.83 2.69 -5.50
CA ARG A 632 -23.45 3.21 -6.71
C ARG A 632 -24.96 2.97 -6.64
N ASP A 633 -25.75 3.92 -7.13
CA ASP A 633 -27.18 3.83 -6.93
C ASP A 633 -27.88 2.92 -7.94
N ASP A 634 -27.15 2.39 -8.93
CA ASP A 634 -27.71 1.45 -9.89
C ASP A 634 -27.35 0.01 -9.57
N THR A 635 -27.06 -0.29 -8.30
CA THR A 635 -26.63 -1.61 -7.89
C THR A 635 -27.81 -2.42 -7.35
N VAL A 636 -27.93 -3.65 -7.81
CA VAL A 636 -28.99 -4.53 -7.35
C VAL A 636 -28.62 -5.18 -6.01
N CYS A 637 -27.40 -5.73 -5.93
CA CYS A 637 -26.98 -6.47 -4.75
C CYS A 637 -25.46 -6.60 -4.77
N LEU A 638 -24.91 -7.00 -3.63
CA LEU A 638 -23.47 -7.27 -3.50
C LEU A 638 -23.21 -8.74 -3.82
N ALA A 639 -22.40 -8.99 -4.84
CA ALA A 639 -22.24 -10.32 -5.38
C ALA A 639 -21.13 -11.09 -4.69
N LYS A 640 -21.38 -12.39 -4.50
CA LYS A 640 -20.35 -13.33 -4.07
C LYS A 640 -19.19 -13.33 -5.06
N LEU A 641 -18.00 -13.68 -4.58
CA LEU A 641 -16.79 -13.58 -5.39
C LEU A 641 -16.10 -14.93 -5.56
N HIS A 642 -15.63 -15.55 -4.48
CA HIS A 642 -15.00 -16.86 -4.51
C HIS A 642 -13.81 -16.91 -5.46
N ASP A 643 -14.07 -17.17 -6.75
CA ASP A 643 -13.00 -17.35 -7.72
C ASP A 643 -12.10 -16.13 -7.78
N ARG A 644 -12.68 -14.94 -7.88
CA ARG A 644 -11.93 -13.72 -8.19
C ARG A 644 -11.71 -12.87 -6.94
N ASN A 645 -10.96 -13.43 -5.98
CA ASN A 645 -10.77 -12.78 -4.69
C ASN A 645 -9.47 -11.99 -4.58
N THR A 646 -8.73 -11.82 -5.68
CA THR A 646 -7.60 -10.92 -5.74
C THR A 646 -7.81 -9.91 -6.87
N TYR A 647 -6.98 -8.86 -6.87
CA TYR A 647 -7.21 -7.76 -7.81
C TYR A 647 -6.85 -8.14 -9.23
N GLU A 648 -5.79 -8.93 -9.42
CA GLU A 648 -5.45 -9.37 -10.76
C GLU A 648 -6.45 -10.39 -11.28
N LYS A 649 -7.02 -11.21 -10.38
CA LYS A 649 -8.04 -12.17 -10.78
C LYS A 649 -9.38 -11.48 -11.04
N TYR A 650 -9.70 -10.44 -10.26
CA TYR A 650 -10.98 -9.76 -10.43
C TYR A 650 -10.95 -8.80 -11.62
N LEU A 651 -9.88 -8.02 -11.76
CA LEU A 651 -9.81 -7.04 -12.86
C LEU A 651 -9.52 -7.71 -14.19
N GLY A 652 -8.70 -8.74 -14.19
CA GLY A 652 -8.38 -9.47 -15.41
C GLY A 652 -6.97 -9.19 -15.89
N GLU A 653 -6.49 -10.07 -16.78
CA GLU A 653 -5.13 -9.95 -17.29
C GLU A 653 -4.96 -8.70 -18.15
N GLU A 654 -5.92 -8.43 -19.04
CA GLU A 654 -5.79 -7.30 -19.95
C GLU A 654 -6.02 -5.96 -19.26
N TYR A 655 -6.86 -5.92 -18.23
CA TYR A 655 -7.06 -4.68 -17.49
C TYR A 655 -5.80 -4.28 -16.75
N VAL A 656 -5.21 -5.19 -15.96
CA VAL A 656 -4.01 -4.86 -15.22
C VAL A 656 -2.84 -4.59 -16.17
N LYS A 657 -2.84 -5.23 -17.34
CA LYS A 657 -1.79 -4.97 -18.32
C LYS A 657 -1.93 -3.56 -18.88
N ALA A 658 -3.16 -3.13 -19.17
CA ALA A 658 -3.38 -1.77 -19.69
C ALA A 658 -3.03 -0.72 -18.64
N VAL A 659 -3.48 -0.92 -17.40
CA VAL A 659 -3.17 0.02 -16.33
C VAL A 659 -1.66 0.11 -16.13
N GLY A 660 -0.94 -1.00 -16.35
CA GLY A 660 0.50 -0.95 -16.22
C GLY A 660 1.16 0.04 -17.16
N ASN A 661 0.68 0.09 -18.41
CA ASN A 661 1.21 1.07 -19.35
C ASN A 661 0.85 2.49 -18.94
N LEU A 662 -0.38 2.70 -18.45
CA LEU A 662 -0.86 4.03 -18.14
C LEU A 662 -0.16 4.65 -16.93
N ARG A 663 0.42 3.82 -16.05
CA ARG A 663 1.15 4.35 -14.90
C ARG A 663 2.39 5.12 -15.32
N LYS A 664 2.87 4.94 -16.56
CA LYS A 664 4.04 5.65 -17.02
C LYS A 664 3.79 7.15 -17.15
N CYS A 665 2.52 7.58 -17.14
CA CYS A 665 2.19 8.99 -17.30
C CYS A 665 1.24 9.51 -16.22
N SER A 666 0.95 8.74 -15.19
CA SER A 666 0.01 9.16 -14.16
C SER A 666 0.59 8.87 -12.78
N THR A 667 0.60 9.89 -11.93
CA THR A 667 1.18 9.80 -10.58
C THR A 667 0.06 9.76 -9.56
N SER A 668 -0.15 8.59 -8.97
CA SER A 668 -1.00 8.43 -7.79
C SER A 668 -0.06 8.29 -6.59
N SER A 669 -0.02 9.33 -5.74
CA SER A 669 0.97 9.35 -4.66
C SER A 669 0.77 8.20 -3.68
N LEU A 670 -0.46 7.69 -3.55
CA LEU A 670 -0.66 6.50 -2.72
C LEU A 670 -0.10 5.27 -3.40
N LEU A 671 -0.30 5.15 -4.72
CA LEU A 671 0.30 4.04 -5.45
C LEU A 671 1.82 4.12 -5.44
N GLU A 672 2.36 5.34 -5.39
CA GLU A 672 3.82 5.51 -5.32
C GLU A 672 4.37 4.96 -4.00
N ALA A 673 3.61 5.13 -2.91
CA ALA A 673 4.07 4.63 -1.62
C ALA A 673 4.00 3.11 -1.55
N CYS A 674 2.93 2.52 -2.09
CA CYS A 674 2.81 1.06 -2.06
C CYS A 674 3.75 0.40 -3.05
N THR A 675 4.07 1.08 -4.17
CA THR A 675 5.07 0.55 -5.09
C THR A 675 6.47 0.62 -4.50
N PHE A 676 6.68 1.47 -3.49
CA PHE A 676 7.97 1.52 -2.81
C PHE A 676 8.20 0.27 -1.96
N ARG A 677 7.14 -0.26 -1.35
CA ARG A 677 7.28 -1.49 -0.56
C ARG A 677 7.22 -2.72 -1.44
N ARG A 678 6.35 -2.72 -2.46
CA ARG A 678 6.11 -3.88 -3.32
C ARG A 678 6.11 -3.42 -4.77
N PRO A 679 7.29 -3.41 -5.42
CA PRO A 679 7.41 -2.99 -6.82
C PRO A 679 6.71 -3.96 -7.77
#